data_2I2J
#
_entry.id   2I2J
#
_entity_poly.entity_id   1
_entity_poly.type   'polypeptide(L)'
_entity_poly.pdbx_seq_one_letter_code
;SGSLSTFFRLFNRSFTQALGK(NH2)
;
_entity_poly.pdbx_strand_id   A
#
# COMPACT_ATOMS: atom_id res chain seq x y z
N SER A 1 8.08 6.31 -11.25
CA SER A 1 8.00 6.16 -11.14
C SER A 1 7.87 5.91 -10.90
N GLY A 2 7.70 5.71 -10.73
CA GLY A 2 7.56 5.46 -10.48
C GLY A 2 7.13 5.20 -10.15
N SER A 3 6.92 5.05 -9.90
CA SER A 3 6.50 4.80 -9.57
C SER A 3 6.26 4.25 -8.74
N LEU A 4 6.14 4.44 -8.14
CA LEU A 4 5.89 3.92 -7.31
C LEU A 4 4.64 4.10 -6.75
N SER A 5 3.94 5.08 -7.19
CA SER A 5 2.70 5.31 -6.69
C SER A 5 1.84 4.06 -6.51
N THR A 6 1.46 3.45 -7.58
CA THR A 6 0.62 2.23 -7.47
C THR A 6 1.21 1.27 -6.44
N PHE A 7 2.44 0.88 -6.62
CA PHE A 7 3.07 -0.05 -5.65
C PHE A 7 2.91 0.47 -4.23
N PHE A 8 3.41 1.64 -3.96
CA PHE A 8 3.29 2.21 -2.59
C PHE A 8 1.83 2.17 -2.12
N ARG A 9 0.94 2.73 -2.89
CA ARG A 9 -0.49 2.71 -2.49
C ARG A 9 -0.94 1.29 -2.19
N LEU A 10 -0.69 0.38 -3.09
CA LEU A 10 -1.10 -1.03 -2.86
C LEU A 10 -0.52 -1.56 -1.54
N PHE A 11 0.75 -1.38 -1.34
CA PHE A 11 1.37 -1.86 -0.06
C PHE A 11 0.69 -1.21 1.14
N ASN A 12 0.56 0.08 1.13
CA ASN A 12 -0.10 0.78 2.27
C ASN A 12 -1.52 0.25 2.46
N ARG A 13 -2.30 0.23 1.42
CA ARG A 13 -3.69 -0.27 1.53
C ARG A 13 -3.70 -1.70 2.07
N SER A 14 -2.93 -2.57 1.47
CA SER A 14 -2.88 -3.97 1.95
C SER A 14 -2.48 -4.02 3.42
N PHE A 15 -1.44 -3.32 3.78
CA PHE A 15 -1.00 -3.33 5.20
C PHE A 15 -2.11 -2.81 6.11
N THR A 16 -2.66 -1.68 5.78
CA THR A 16 -3.76 -1.11 6.63
C THR A 16 -4.93 -2.08 6.69
N GLN A 17 -5.34 -2.59 5.57
CA GLN A 17 -6.49 -3.54 5.57
C GLN A 17 -6.14 -4.78 6.38
N ALA A 18 -4.99 -5.35 6.14
CA ALA A 18 -4.59 -6.56 6.91
C ALA A 18 -4.49 -6.25 8.39
N LEU A 19 -3.78 -5.24 8.74
CA LEU A 19 -3.64 -4.88 10.17
C LEU A 19 -4.99 -4.67 10.80
N GLY A 20 -5.93 -4.13 10.10
CA GLY A 20 -7.26 -3.89 10.66
C GLY A 20 -7.76 -3.83 10.97
N LYS A 21 -6.99 -3.97 10.72
CA LYS A 21 -7.43 -3.91 11.00
C LYS A 21 -7.47 -3.84 11.16
N SER A 1 12.31 4.07 -7.16
CA SER A 1 13.10 4.36 -8.41
C SER A 1 12.36 5.38 -9.27
N GLY A 2 11.40 4.93 -10.05
CA GLY A 2 10.65 5.88 -10.92
C GLY A 2 9.15 5.57 -10.82
N SER A 3 8.37 6.52 -10.38
CA SER A 3 6.91 6.29 -10.26
C SER A 3 6.63 5.05 -9.40
N LEU A 4 6.18 5.24 -8.20
CA LEU A 4 5.89 4.07 -7.31
C LEU A 4 4.53 4.24 -6.62
N SER A 5 3.72 5.14 -7.13
CA SER A 5 2.38 5.36 -6.50
C SER A 5 1.64 4.02 -6.36
N THR A 6 1.28 3.41 -7.46
CA THR A 6 0.55 2.11 -7.38
C THR A 6 1.20 1.20 -6.33
N PHE A 7 2.42 0.79 -6.58
CA PHE A 7 3.11 -0.10 -5.59
C PHE A 7 2.96 0.46 -4.18
N PHE A 8 3.40 1.66 -3.95
CA PHE A 8 3.27 2.26 -2.59
C PHE A 8 1.83 2.15 -2.10
N ARG A 9 0.89 2.59 -2.88
CA ARG A 9 -0.54 2.52 -2.46
C ARG A 9 -0.94 1.06 -2.19
N LEU A 10 -0.66 0.18 -3.12
CA LEU A 10 -1.02 -1.25 -2.92
C LEU A 10 -0.44 -1.76 -1.59
N PHE A 11 0.81 -1.52 -1.35
CA PHE A 11 1.42 -1.99 -0.07
C PHE A 11 0.76 -1.31 1.12
N ASN A 12 0.59 -0.01 1.07
CA ASN A 12 -0.06 0.70 2.21
C ASN A 12 -1.49 0.19 2.40
N ARG A 13 -2.25 0.10 1.34
CA ARG A 13 -3.65 -0.39 1.47
C ARG A 13 -3.66 -1.82 2.01
N SER A 14 -2.92 -2.71 1.41
CA SER A 14 -2.90 -4.11 1.89
C SER A 14 -2.45 -4.16 3.36
N PHE A 15 -1.42 -3.43 3.70
CA PHE A 15 -0.95 -3.43 5.11
C PHE A 15 -2.01 -2.84 6.04
N THR A 16 -2.45 -1.65 5.76
CA THR A 16 -3.49 -1.01 6.62
C THR A 16 -4.74 -1.90 6.68
N GLN A 17 -5.26 -2.29 5.55
CA GLN A 17 -6.47 -3.15 5.55
C GLN A 17 -6.21 -4.44 6.33
N ALA A 18 -5.11 -5.10 6.06
CA ALA A 18 -4.80 -6.36 6.80
C ALA A 18 -4.69 -6.08 8.29
N LEU A 19 -3.84 -5.17 8.68
CA LEU A 19 -3.69 -4.86 10.13
C LEU A 19 -5.07 -4.69 10.78
N GLY A 20 -5.97 -4.01 10.12
CA GLY A 20 -7.32 -3.81 10.70
C GLY A 20 -7.60 -2.30 10.84
N LYS A 21 -6.67 -1.47 10.45
CA LYS A 21 -6.89 0.00 10.58
C LYS A 21 -7.03 0.39 12.04
N SER A 1 11.00 13.94 -3.71
CA SER A 1 10.19 12.86 -3.05
C SER A 1 10.45 11.52 -3.74
N GLY A 2 10.56 10.47 -2.98
CA GLY A 2 10.81 9.13 -3.59
C GLY A 2 9.74 8.83 -4.64
N SER A 3 8.68 8.17 -4.26
CA SER A 3 7.60 7.85 -5.23
C SER A 3 6.48 7.07 -4.55
N LEU A 4 5.60 6.47 -5.31
CA LEU A 4 4.49 5.70 -4.71
C LEU A 4 3.92 4.70 -5.72
N SER A 5 3.28 5.19 -6.75
CA SER A 5 2.70 4.28 -7.78
C SER A 5 1.79 3.24 -7.12
N THR A 6 1.00 2.55 -7.91
CA THR A 6 0.09 1.53 -7.33
C THR A 6 0.88 0.60 -6.40
N PHE A 7 2.10 0.30 -6.74
CA PHE A 7 2.92 -0.60 -5.87
C PHE A 7 2.95 -0.05 -4.44
N PHE A 8 3.46 1.13 -4.27
CA PHE A 8 3.52 1.71 -2.89
C PHE A 8 2.10 1.90 -2.35
N ARG A 9 1.22 2.44 -3.14
CA ARG A 9 -0.19 2.63 -2.67
C ARG A 9 -0.80 1.29 -2.27
N LEU A 10 -0.64 0.29 -3.09
CA LEU A 10 -1.21 -1.04 -2.75
C LEU A 10 -0.54 -1.59 -1.48
N PHE A 11 0.75 -1.52 -1.40
CA PHE A 11 1.45 -2.04 -0.19
C PHE A 11 0.92 -1.32 1.06
N ASN A 12 0.85 -0.02 1.03
CA ASN A 12 0.35 0.72 2.22
C ASN A 12 -1.12 0.36 2.48
N ARG A 13 -1.97 0.55 1.50
CA ARG A 13 -3.40 0.20 1.69
C ARG A 13 -3.55 -1.26 2.12
N SER A 14 -2.87 -2.15 1.45
CA SER A 14 -2.96 -3.59 1.82
C SER A 14 -2.52 -3.80 3.27
N PHE A 15 -1.42 -3.22 3.64
CA PHE A 15 -0.93 -3.39 5.04
C PHE A 15 -1.96 -2.83 6.02
N THR A 16 -2.46 -1.65 5.77
CA THR A 16 -3.47 -1.05 6.68
C THR A 16 -4.72 -1.94 6.75
N GLN A 17 -5.34 -2.19 5.62
CA GLN A 17 -6.55 -3.04 5.63
C GLN A 17 -6.23 -4.43 6.19
N ALA A 18 -5.07 -4.94 5.89
CA ALA A 18 -4.70 -6.29 6.40
C ALA A 18 -4.62 -6.27 7.93
N LEU A 19 -3.80 -5.41 8.49
CA LEU A 19 -3.69 -5.34 9.96
C LEU A 19 -5.06 -5.11 10.59
N GLY A 20 -5.94 -4.43 9.90
CA GLY A 20 -7.30 -4.18 10.46
C GLY A 20 -8.16 -5.43 10.31
N LYS A 21 -7.62 -6.48 9.74
CA LYS A 21 -8.43 -7.73 9.57
C LYS A 21 -7.64 -8.75 8.74
N SER A 1 13.99 0.24 -2.00
CA SER A 1 13.83 -0.06 -3.46
C SER A 1 13.30 1.18 -4.19
N GLY A 2 12.17 1.69 -3.77
CA GLY A 2 11.61 2.89 -4.45
C GLY A 2 10.10 2.94 -4.23
N SER A 3 9.39 1.96 -4.70
CA SER A 3 7.91 1.95 -4.51
C SER A 3 7.27 3.13 -5.26
N LEU A 4 6.59 2.86 -6.34
CA LEU A 4 5.95 3.96 -7.12
C LEU A 4 4.53 4.21 -6.59
N SER A 5 3.86 5.18 -7.13
CA SER A 5 2.47 5.48 -6.68
C SER A 5 1.67 4.18 -6.53
N THR A 6 1.24 3.62 -7.63
CA THR A 6 0.46 2.35 -7.56
C THR A 6 1.11 1.39 -6.56
N PHE A 7 2.37 1.11 -6.71
CA PHE A 7 3.05 0.18 -5.76
C PHE A 7 2.88 0.67 -4.33
N PHE A 8 3.43 1.81 -4.01
CA PHE A 8 3.29 2.33 -2.62
C PHE A 8 1.83 2.22 -2.16
N ARG A 9 0.92 2.80 -2.89
CA ARG A 9 -0.52 2.73 -2.48
C ARG A 9 -0.91 1.27 -2.22
N LEU A 10 -0.71 0.41 -3.17
CA LEU A 10 -1.07 -1.02 -2.97
C LEU A 10 -0.49 -1.54 -1.66
N PHE A 11 0.79 -1.38 -1.47
CA PHE A 11 1.42 -1.87 -0.21
C PHE A 11 0.70 -1.27 1.00
N ASN A 12 0.57 0.03 1.05
CA ASN A 12 -0.12 0.66 2.20
C ASN A 12 -1.55 0.12 2.34
N ARG A 13 -2.23 -0.03 1.23
CA ARG A 13 -3.63 -0.56 1.29
C ARG A 13 -3.64 -1.96 1.92
N SER A 14 -2.84 -2.85 1.42
CA SER A 14 -2.80 -4.23 1.99
C SER A 14 -2.39 -4.17 3.46
N PHE A 15 -1.35 -3.45 3.77
CA PHE A 15 -0.90 -3.35 5.19
C PHE A 15 -2.02 -2.79 6.06
N THR A 16 -2.59 -1.68 5.67
CA THR A 16 -3.68 -1.08 6.49
C THR A 16 -4.85 -2.06 6.61
N GLN A 17 -5.35 -2.55 5.50
CA GLN A 17 -6.48 -3.51 5.56
C GLN A 17 -6.14 -4.69 6.48
N ALA A 18 -4.98 -5.25 6.32
CA ALA A 18 -4.59 -6.41 7.18
C ALA A 18 -4.48 -5.96 8.64
N LEU A 19 -3.55 -5.08 8.93
CA LEU A 19 -3.39 -4.60 10.33
C LEU A 19 -4.72 -4.02 10.84
N GLY A 20 -5.62 -3.71 9.96
CA GLY A 20 -6.93 -3.14 10.40
C GLY A 20 -7.98 -4.26 10.43
N LYS A 21 -7.61 -5.46 10.11
CA LYS A 21 -8.60 -6.57 10.13
C LYS A 21 -9.85 -6.18 9.33
N SER A 1 5.91 13.33 -10.45
CA SER A 1 5.72 12.11 -9.61
C SER A 1 5.49 10.89 -10.50
N GLY A 2 4.94 9.85 -9.94
CA GLY A 2 4.69 8.62 -10.75
C GLY A 2 5.80 7.60 -10.50
N SER A 3 6.31 7.55 -9.30
CA SER A 3 7.41 6.58 -9.00
C SER A 3 6.87 5.46 -8.09
N LEU A 4 6.60 4.31 -8.64
CA LEU A 4 6.08 3.18 -7.81
C LEU A 4 4.81 3.62 -7.07
N SER A 5 4.19 4.67 -7.52
CA SER A 5 2.94 5.14 -6.85
C SER A 5 1.99 3.96 -6.61
N THR A 6 1.59 3.28 -7.65
CA THR A 6 0.67 2.12 -7.48
C THR A 6 1.18 1.19 -6.37
N PHE A 7 2.38 0.70 -6.51
CA PHE A 7 2.94 -0.20 -5.45
C PHE A 7 2.81 0.46 -4.08
N PHE A 8 3.22 1.69 -3.95
CA PHE A 8 3.12 2.38 -2.63
C PHE A 8 1.69 2.33 -2.12
N ARG A 9 0.76 2.87 -2.87
CA ARG A 9 -0.66 2.86 -2.42
C ARG A 9 -1.08 1.43 -2.06
N LEU A 10 -0.83 0.49 -2.93
CA LEU A 10 -1.21 -0.92 -2.65
C LEU A 10 -0.59 -1.37 -1.32
N PHE A 11 0.67 -1.09 -1.13
CA PHE A 11 1.34 -1.51 0.14
C PHE A 11 0.65 -0.86 1.34
N ASN A 12 0.44 0.43 1.28
CA ASN A 12 -0.24 1.13 2.43
C ASN A 12 -1.63 0.53 2.65
N ARG A 13 -2.47 0.57 1.66
CA ARG A 13 -3.83 0.01 1.81
C ARG A 13 -3.76 -1.47 2.20
N SER A 14 -2.94 -2.23 1.51
CA SER A 14 -2.82 -3.67 1.84
C SER A 14 -2.44 -3.85 3.31
N PHE A 15 -1.42 -3.16 3.76
CA PHE A 15 -0.99 -3.28 5.18
C PHE A 15 -2.13 -2.86 6.11
N THR A 16 -2.70 -1.71 5.89
CA THR A 16 -3.82 -1.24 6.75
C THR A 16 -4.94 -2.28 6.76
N GLN A 17 -5.34 -2.73 5.60
CA GLN A 17 -6.44 -3.74 5.53
C GLN A 17 -6.00 -5.04 6.20
N ALA A 18 -4.84 -5.53 5.86
CA ALA A 18 -4.36 -6.79 6.48
C ALA A 18 -4.37 -6.68 8.00
N LEU A 19 -3.84 -5.62 8.54
CA LEU A 19 -3.83 -5.45 10.02
C LEU A 19 -5.26 -5.54 10.57
N GLY A 20 -6.17 -4.81 9.99
CA GLY A 20 -7.58 -4.84 10.48
C GLY A 20 -8.03 -3.42 10.84
N LYS A 21 -7.18 -2.44 10.67
CA LYS A 21 -7.57 -1.04 11.01
C LYS A 21 -8.95 -0.73 10.43
N SER A 1 6.78 8.98 -8.73
CA SER A 1 8.10 8.95 -8.04
C SER A 1 8.82 7.64 -8.34
N GLY A 2 9.30 7.46 -9.53
CA GLY A 2 10.01 6.20 -9.88
C GLY A 2 9.00 5.12 -10.27
N SER A 3 7.91 5.51 -10.87
CA SER A 3 6.87 4.51 -11.27
C SER A 3 6.60 3.55 -10.11
N LEU A 4 6.52 4.06 -8.91
CA LEU A 4 6.24 3.17 -7.74
C LEU A 4 4.96 3.63 -7.04
N SER A 5 4.39 4.71 -7.45
CA SER A 5 3.14 5.19 -6.80
C SER A 5 2.17 4.03 -6.58
N THR A 6 1.69 3.43 -7.64
CA THR A 6 0.75 2.28 -7.48
C THR A 6 1.26 1.33 -6.41
N PHE A 7 2.47 0.87 -6.52
CA PHE A 7 3.03 -0.07 -5.50
C PHE A 7 2.85 0.52 -4.10
N PHE A 8 3.28 1.73 -3.90
CA PHE A 8 3.14 2.36 -2.55
C PHE A 8 1.67 2.34 -2.12
N ARG A 9 0.80 2.91 -2.92
CA ARG A 9 -0.64 2.93 -2.56
C ARG A 9 -1.11 1.53 -2.17
N LEU A 10 -0.88 0.56 -3.01
CA LEU A 10 -1.31 -0.83 -2.69
C LEU A 10 -0.66 -1.29 -1.37
N PHE A 11 0.62 -1.10 -1.23
CA PHE A 11 1.30 -1.52 0.03
C PHE A 11 0.59 -0.91 1.24
N ASN A 12 0.36 0.37 1.21
CA ASN A 12 -0.32 1.03 2.37
C ASN A 12 -1.73 0.45 2.54
N ARG A 13 -2.52 0.45 1.50
CA ARG A 13 -3.90 -0.10 1.61
C ARG A 13 -3.85 -1.54 2.14
N SER A 14 -3.18 -2.42 1.45
CA SER A 14 -3.09 -3.83 1.91
C SER A 14 -2.61 -3.89 3.37
N PHE A 15 -1.57 -3.15 3.68
CA PHE A 15 -1.05 -3.16 5.08
C PHE A 15 -2.17 -2.79 6.06
N THR A 16 -2.82 -1.68 5.84
CA THR A 16 -3.93 -1.27 6.75
C THR A 16 -5.01 -2.33 6.78
N GLN A 17 -5.33 -2.91 5.66
CA GLN A 17 -6.38 -3.97 5.63
C GLN A 17 -5.91 -5.20 6.40
N ALA A 18 -4.75 -5.71 6.08
CA ALA A 18 -4.24 -6.92 6.79
C ALA A 18 -4.15 -6.64 8.29
N LEU A 19 -3.47 -5.58 8.67
CA LEU A 19 -3.34 -5.26 10.12
C LEU A 19 -4.71 -5.33 10.80
N GLY A 20 -5.74 -4.92 10.13
CA GLY A 20 -7.10 -4.96 10.75
C GLY A 20 -7.69 -6.37 10.59
N LYS A 21 -6.95 -7.27 9.98
CA LYS A 21 -7.49 -8.65 9.80
C LYS A 21 -6.36 -9.60 9.38
N SER A 1 12.13 1.13 -13.53
CA SER A 1 11.05 1.20 -12.50
C SER A 1 10.51 2.63 -12.40
N GLY A 2 9.34 2.85 -12.92
CA GLY A 2 8.75 4.23 -12.85
C GLY A 2 7.32 4.15 -12.31
N SER A 3 7.02 3.12 -11.55
CA SER A 3 5.65 2.99 -10.99
C SER A 3 5.72 2.81 -9.47
N LEU A 4 6.34 3.72 -8.78
CA LEU A 4 6.45 3.60 -7.30
C LEU A 4 5.12 3.97 -6.64
N SER A 5 4.38 4.87 -7.25
CA SER A 5 3.08 5.29 -6.66
C SER A 5 2.14 4.08 -6.52
N THR A 6 1.73 3.51 -7.62
CA THR A 6 0.83 2.33 -7.56
C THR A 6 1.29 1.36 -6.47
N PHE A 7 2.50 0.89 -6.57
CA PHE A 7 3.02 -0.07 -5.55
C PHE A 7 2.83 0.51 -4.15
N PHE A 8 3.23 1.74 -3.94
CA PHE A 8 3.07 2.36 -2.60
C PHE A 8 1.60 2.29 -2.15
N ARG A 9 0.71 2.83 -2.93
CA ARG A 9 -0.73 2.80 -2.56
C ARG A 9 -1.16 1.35 -2.26
N LEU A 10 -0.94 0.46 -3.18
CA LEU A 10 -1.34 -0.96 -2.95
C LEU A 10 -0.79 -1.46 -1.61
N PHE A 11 0.48 -1.26 -1.36
CA PHE A 11 1.08 -1.72 -0.08
C PHE A 11 0.35 -1.07 1.10
N ASN A 12 0.29 0.24 1.12
CA ASN A 12 -0.40 0.94 2.25
C ASN A 12 -1.80 0.33 2.45
N ARG A 13 -2.56 0.22 1.40
CA ARG A 13 -3.94 -0.35 1.53
C ARG A 13 -3.87 -1.77 2.12
N SER A 14 -3.07 -2.62 1.53
CA SER A 14 -2.96 -4.01 2.06
C SER A 14 -2.43 -3.99 3.50
N PHE A 15 -1.41 -3.22 3.76
CA PHE A 15 -0.85 -3.16 5.14
C PHE A 15 -1.94 -2.74 6.13
N THR A 16 -2.67 -1.70 5.82
CA THR A 16 -3.74 -1.24 6.74
C THR A 16 -4.86 -2.29 6.83
N GLN A 17 -5.45 -2.64 5.71
CA GLN A 17 -6.54 -3.65 5.74
C GLN A 17 -6.04 -4.95 6.37
N ALA A 18 -4.78 -5.24 6.22
CA ALA A 18 -4.23 -6.50 6.81
C ALA A 18 -4.05 -6.33 8.32
N LEU A 19 -3.18 -5.45 8.73
CA LEU A 19 -2.96 -5.23 10.19
C LEU A 19 -4.29 -4.95 10.89
N GLY A 20 -5.28 -4.51 10.16
CA GLY A 20 -6.59 -4.21 10.78
C GLY A 20 -7.53 -5.42 10.60
N LYS A 21 -7.07 -6.47 9.97
CA LYS A 21 -7.93 -7.66 9.79
C LYS A 21 -7.17 -8.76 9.03
N SER A 1 8.75 9.87 -4.25
CA SER A 1 7.93 11.11 -4.29
C SER A 1 6.67 10.88 -5.13
N GLY A 2 6.82 10.32 -6.31
CA GLY A 2 5.63 10.08 -7.18
C GLY A 2 6.01 9.13 -8.30
N SER A 3 6.78 8.11 -8.01
CA SER A 3 7.17 7.15 -9.07
C SER A 3 6.48 5.80 -8.86
N LEU A 4 6.52 5.29 -7.65
CA LEU A 4 5.86 3.98 -7.39
C LEU A 4 4.48 4.20 -6.74
N SER A 5 3.70 5.09 -7.29
CA SER A 5 2.35 5.35 -6.72
C SER A 5 1.60 4.03 -6.49
N THR A 6 1.16 3.41 -7.54
CA THR A 6 0.42 2.11 -7.40
C THR A 6 1.13 1.23 -6.37
N PHE A 7 2.36 0.85 -6.64
CA PHE A 7 3.10 -0.01 -5.68
C PHE A 7 2.90 0.48 -4.25
N PHE A 8 3.45 1.63 -3.93
CA PHE A 8 3.28 2.17 -2.54
C PHE A 8 1.83 2.07 -2.10
N ARG A 9 0.93 2.58 -2.89
CA ARG A 9 -0.52 2.51 -2.51
C ARG A 9 -0.90 1.07 -2.17
N LEU A 10 -0.69 0.16 -3.08
CA LEU A 10 -1.05 -1.27 -2.80
C LEU A 10 -0.41 -1.73 -1.48
N PHE A 11 0.84 -1.41 -1.28
CA PHE A 11 1.51 -1.83 -0.02
C PHE A 11 0.79 -1.24 1.20
N ASN A 12 0.66 0.06 1.25
CA ASN A 12 -0.03 0.68 2.41
C ASN A 12 -1.46 0.12 2.54
N ARG A 13 -2.21 0.14 1.47
CA ARG A 13 -3.60 -0.40 1.53
C ARG A 13 -3.59 -1.83 2.05
N SER A 14 -2.85 -2.70 1.42
CA SER A 14 -2.80 -4.12 1.88
C SER A 14 -2.44 -4.18 3.36
N PHE A 15 -1.40 -3.49 3.76
CA PHE A 15 -0.99 -3.51 5.20
C PHE A 15 -2.06 -2.83 6.05
N THR A 16 -2.49 -1.66 5.68
CA THR A 16 -3.54 -0.95 6.47
C THR A 16 -4.80 -1.82 6.59
N GLN A 17 -5.30 -2.28 5.49
CA GLN A 17 -6.53 -3.13 5.54
C GLN A 17 -6.25 -4.41 6.32
N ALA A 18 -5.22 -5.13 5.96
CA ALA A 18 -4.90 -6.38 6.69
C ALA A 18 -4.71 -6.10 8.19
N LEU A 19 -4.22 -4.94 8.53
CA LEU A 19 -4.01 -4.61 9.96
C LEU A 19 -5.37 -4.56 10.69
N GLY A 20 -6.24 -3.69 10.28
CA GLY A 20 -7.57 -3.60 10.95
C GLY A 20 -7.50 -2.58 12.09
N LYS A 21 -6.36 -1.98 12.31
CA LYS A 21 -6.25 -0.98 13.41
C LYS A 21 -4.99 -0.13 13.22
N SER A 1 10.85 7.25 -9.56
CA SER A 1 11.10 7.69 -10.96
C SER A 1 10.09 7.02 -11.91
N GLY A 2 9.86 5.75 -11.73
CA GLY A 2 8.90 5.03 -12.61
C GLY A 2 8.08 4.04 -11.79
N SER A 3 6.79 4.01 -11.97
CA SER A 3 5.95 3.05 -11.20
C SER A 3 6.28 3.13 -9.70
N LEU A 4 5.70 4.07 -9.00
CA LEU A 4 5.99 4.20 -7.55
C LEU A 4 4.68 4.25 -6.75
N SER A 5 3.91 5.29 -6.93
CA SER A 5 2.62 5.38 -6.19
C SER A 5 1.85 4.07 -6.27
N THR A 6 1.71 3.53 -7.45
CA THR A 6 0.97 2.25 -7.60
C THR A 6 1.41 1.25 -6.52
N PHE A 7 2.63 0.79 -6.59
CA PHE A 7 3.13 -0.18 -5.58
C PHE A 7 2.97 0.40 -4.17
N PHE A 8 3.48 1.58 -3.95
CA PHE A 8 3.36 2.21 -2.60
C PHE A 8 1.92 2.15 -2.12
N ARG A 9 1.01 2.75 -2.83
CA ARG A 9 -0.42 2.73 -2.41
C ARG A 9 -0.88 1.29 -2.18
N LEU A 10 -0.61 0.42 -3.11
CA LEU A 10 -1.03 -1.01 -2.94
C LEU A 10 -0.55 -1.54 -1.59
N PHE A 11 0.72 -1.44 -1.31
CA PHE A 11 1.25 -1.94 -0.01
C PHE A 11 0.55 -1.23 1.15
N ASN A 12 0.53 0.08 1.13
CA ASN A 12 -0.13 0.84 2.23
C ASN A 12 -1.57 0.34 2.42
N ARG A 13 -2.33 0.27 1.37
CA ARG A 13 -3.73 -0.21 1.49
C ARG A 13 -3.76 -1.64 2.05
N SER A 14 -3.10 -2.55 1.40
CA SER A 14 -3.08 -3.96 1.89
C SER A 14 -2.61 -4.01 3.34
N PHE A 15 -1.58 -3.27 3.66
CA PHE A 15 -1.06 -3.28 5.07
C PHE A 15 -2.14 -2.75 6.02
N THR A 16 -2.77 -1.68 5.68
CA THR A 16 -3.82 -1.11 6.57
C THR A 16 -4.99 -2.10 6.70
N GLN A 17 -5.39 -2.70 5.61
CA GLN A 17 -6.52 -3.68 5.67
C GLN A 17 -6.12 -4.90 6.51
N ALA A 18 -4.98 -5.47 6.23
CA ALA A 18 -4.53 -6.67 7.00
C ALA A 18 -4.33 -6.30 8.47
N LEU A 19 -3.63 -5.22 8.73
CA LEU A 19 -3.40 -4.81 10.15
C LEU A 19 -4.74 -4.65 10.88
N GLY A 20 -5.69 -4.04 10.25
CA GLY A 20 -7.02 -3.83 10.91
C GLY A 20 -7.79 -5.16 10.89
N LYS A 21 -7.23 -6.20 10.33
CA LYS A 21 -7.95 -7.50 10.29
C LYS A 21 -7.91 -8.18 11.66
N SER A 1 7.94 15.51 -3.85
CA SER A 1 8.40 14.12 -3.59
C SER A 1 7.28 13.13 -3.91
N GLY A 2 7.59 11.85 -3.94
CA GLY A 2 6.55 10.84 -4.27
C GLY A 2 7.07 9.90 -5.36
N SER A 3 6.66 8.66 -5.33
CA SER A 3 7.13 7.70 -6.36
C SER A 3 6.47 6.33 -6.15
N LEU A 4 6.52 5.48 -7.14
CA LEU A 4 5.90 4.13 -6.99
C LEU A 4 4.48 4.26 -6.42
N SER A 5 3.67 5.09 -7.00
CA SER A 5 2.28 5.27 -6.49
C SER A 5 1.56 3.91 -6.44
N THR A 6 1.35 3.30 -7.58
CA THR A 6 0.66 1.98 -7.59
C THR A 6 1.26 1.05 -6.52
N PHE A 7 2.53 0.76 -6.63
CA PHE A 7 3.18 -0.14 -5.64
C PHE A 7 2.97 0.41 -4.23
N PHE A 8 3.34 1.65 -4.00
CA PHE A 8 3.16 2.24 -2.64
C PHE A 8 1.70 2.08 -2.18
N ARG A 9 0.79 2.74 -2.84
CA ARG A 9 -0.64 2.63 -2.43
C ARG A 9 -1.02 1.17 -2.22
N LEU A 10 -0.60 0.30 -3.11
CA LEU A 10 -0.94 -1.14 -2.95
C LEU A 10 -0.42 -1.67 -1.60
N PHE A 11 0.86 -1.56 -1.38
CA PHE A 11 1.43 -2.05 -0.08
C PHE A 11 0.73 -1.37 1.10
N ASN A 12 0.57 -0.07 1.02
CA ASN A 12 -0.10 0.65 2.14
C ASN A 12 -1.51 0.11 2.36
N ARG A 13 -2.33 0.13 1.35
CA ARG A 13 -3.72 -0.39 1.51
C ARG A 13 -3.69 -1.83 2.03
N SER A 14 -2.96 -2.69 1.38
CA SER A 14 -2.88 -4.10 1.83
C SER A 14 -2.52 -4.16 3.32
N PHE A 15 -1.45 -3.52 3.70
CA PHE A 15 -1.04 -3.53 5.13
C PHE A 15 -2.08 -2.79 5.99
N THR A 16 -2.43 -1.59 5.60
CA THR A 16 -3.43 -0.83 6.39
C THR A 16 -4.65 -1.69 6.69
N GLN A 17 -5.32 -2.18 5.69
CA GLN A 17 -6.51 -3.05 5.92
C GLN A 17 -6.09 -4.36 6.57
N ALA A 18 -5.13 -5.03 6.01
CA ALA A 18 -4.68 -6.33 6.60
C ALA A 18 -4.56 -6.21 8.12
N LEU A 19 -3.83 -5.23 8.59
CA LEU A 19 -3.67 -5.05 10.06
C LEU A 19 -4.99 -4.58 10.68
N GLY A 20 -5.52 -3.48 10.19
CA GLY A 20 -6.80 -2.97 10.76
C GLY A 20 -6.61 -1.53 11.23
N LYS A 21 -5.43 -0.98 11.08
CA LYS A 21 -5.19 0.42 11.52
C LYS A 21 -5.79 1.40 10.51
N SER A 1 10.10 7.94 0.03
CA SER A 1 11.21 7.29 -0.71
C SER A 1 10.75 6.89 -2.11
N GLY A 2 11.21 7.58 -3.12
CA GLY A 2 10.79 7.23 -4.51
C GLY A 2 9.30 7.51 -4.68
N SER A 3 8.78 7.30 -5.86
CA SER A 3 7.32 7.56 -6.09
C SER A 3 6.49 6.42 -5.50
N LEU A 4 5.31 6.72 -5.02
CA LEU A 4 4.45 5.66 -4.44
C LEU A 4 3.95 4.72 -5.54
N SER A 5 3.33 5.27 -6.56
CA SER A 5 2.82 4.42 -7.67
C SER A 5 1.88 3.33 -7.12
N THR A 6 1.10 2.73 -7.97
CA THR A 6 0.17 1.67 -7.50
C THR A 6 0.91 0.70 -6.57
N PHE A 7 2.16 0.42 -6.85
CA PHE A 7 2.93 -0.51 -5.99
C PHE A 7 2.91 -0.02 -4.53
N PHE A 8 3.49 1.12 -4.28
CA PHE A 8 3.49 1.65 -2.89
C PHE A 8 2.06 1.83 -2.39
N ARG A 9 1.20 2.37 -3.21
CA ARG A 9 -0.22 2.58 -2.78
C ARG A 9 -0.82 1.24 -2.33
N LEU A 10 -0.66 0.21 -3.13
CA LEU A 10 -1.23 -1.12 -2.75
C LEU A 10 -0.54 -1.63 -1.48
N PHE A 11 0.76 -1.58 -1.44
CA PHE A 11 1.48 -2.07 -0.23
C PHE A 11 0.93 -1.37 1.02
N ASN A 12 0.79 -0.08 0.98
CA ASN A 12 0.27 0.66 2.16
C ASN A 12 -1.20 0.28 2.40
N ARG A 13 -2.04 0.46 1.43
CA ARG A 13 -3.48 0.11 1.59
C ARG A 13 -3.61 -1.35 2.03
N SER A 14 -2.82 -2.22 1.45
CA SER A 14 -2.91 -3.66 1.83
C SER A 14 -2.46 -3.85 3.28
N PHE A 15 -1.33 -3.31 3.64
CA PHE A 15 -0.83 -3.46 5.04
C PHE A 15 -1.86 -2.90 6.03
N THR A 16 -2.33 -1.70 5.79
CA THR A 16 -3.33 -1.09 6.71
C THR A 16 -4.63 -1.90 6.69
N GLN A 17 -5.09 -2.26 5.53
CA GLN A 17 -6.34 -3.06 5.43
C GLN A 17 -6.21 -4.36 6.23
N ALA A 18 -5.14 -5.08 6.03
CA ALA A 18 -4.96 -6.36 6.78
C ALA A 18 -4.80 -6.07 8.27
N LEU A 19 -3.95 -5.15 8.62
CA LEU A 19 -3.74 -4.83 10.06
C LEU A 19 -5.07 -4.45 10.71
N GLY A 20 -5.90 -3.74 10.00
CA GLY A 20 -7.21 -3.34 10.59
C GLY A 20 -8.17 -4.54 10.57
N LYS A 21 -7.72 -5.67 10.08
CA LYS A 21 -8.62 -6.87 10.05
C LYS A 21 -7.81 -8.13 10.31
N SER A 1 13.30 5.77 -8.38
CA SER A 1 13.71 5.08 -9.64
C SER A 1 12.64 4.08 -10.06
N GLY A 2 11.88 4.38 -11.07
CA GLY A 2 10.82 3.44 -11.53
C GLY A 2 9.49 3.82 -10.88
N SER A 3 8.44 3.91 -11.65
CA SER A 3 7.12 4.28 -11.07
C SER A 3 6.85 3.46 -9.80
N LEU A 4 6.54 4.10 -8.71
CA LEU A 4 6.27 3.35 -7.46
C LEU A 4 4.94 3.82 -6.84
N SER A 5 4.30 4.78 -7.44
CA SER A 5 3.01 5.28 -6.89
C SER A 5 2.07 4.10 -6.62
N THR A 6 1.53 3.50 -7.65
CA THR A 6 0.61 2.35 -7.44
C THR A 6 1.19 1.37 -6.42
N PHE A 7 2.44 1.02 -6.56
CA PHE A 7 3.07 0.09 -5.60
C PHE A 7 2.89 0.59 -4.17
N PHE A 8 3.38 1.76 -3.88
CA PHE A 8 3.23 2.32 -2.50
C PHE A 8 1.76 2.31 -2.08
N ARG A 9 0.90 2.83 -2.91
CA ARG A 9 -0.55 2.85 -2.56
C ARG A 9 -1.04 1.43 -2.24
N LEU A 10 -0.83 0.50 -3.12
CA LEU A 10 -1.29 -0.89 -2.86
C LEU A 10 -0.68 -1.40 -1.55
N PHE A 11 0.61 -1.27 -1.38
CA PHE A 11 1.26 -1.75 -0.13
C PHE A 11 0.57 -1.13 1.09
N ASN A 12 0.38 0.16 1.08
CA ASN A 12 -0.27 0.82 2.25
C ASN A 12 -1.69 0.27 2.44
N ARG A 13 -2.47 0.24 1.39
CA ARG A 13 -3.86 -0.29 1.53
C ARG A 13 -3.83 -1.70 2.12
N SER A 14 -3.08 -2.59 1.52
CA SER A 14 -3.01 -3.98 2.05
C SER A 14 -2.54 -3.96 3.51
N PHE A 15 -1.54 -3.19 3.81
CA PHE A 15 -1.03 -3.14 5.21
C PHE A 15 -2.16 -2.72 6.16
N THR A 16 -2.83 -1.63 5.86
CA THR A 16 -3.94 -1.18 6.74
C THR A 16 -5.03 -2.25 6.82
N GLN A 17 -5.45 -2.76 5.70
CA GLN A 17 -6.51 -3.81 5.71
C GLN A 17 -6.01 -5.06 6.44
N ALA A 18 -4.81 -5.49 6.15
CA ALA A 18 -4.26 -6.70 6.83
C ALA A 18 -4.14 -6.45 8.33
N LEU A 19 -3.31 -5.51 8.71
CA LEU A 19 -3.15 -5.21 10.17
C LEU A 19 -4.50 -4.90 10.81
N GLY A 20 -5.42 -4.40 10.04
CA GLY A 20 -6.77 -4.08 10.60
C GLY A 20 -6.68 -2.79 11.43
N LYS A 21 -5.51 -2.19 11.51
CA LYS A 21 -5.38 -0.93 12.29
C LYS A 21 -5.69 0.28 11.41
N SER A 1 10.45 5.43 -16.49
CA SER A 1 9.80 6.47 -15.63
C SER A 1 10.13 6.21 -14.15
N GLY A 2 9.19 6.46 -13.28
CA GLY A 2 9.45 6.24 -11.83
C GLY A 2 8.19 6.57 -11.03
N SER A 3 7.10 5.89 -11.32
CA SER A 3 5.84 6.16 -10.56
C SER A 3 5.56 5.03 -9.58
N LEU A 4 6.26 5.01 -8.47
CA LEU A 4 6.03 3.94 -7.47
C LEU A 4 4.69 4.16 -6.75
N SER A 5 4.01 5.23 -7.06
CA SER A 5 2.70 5.49 -6.40
C SER A 5 1.84 4.22 -6.38
N THR A 6 1.60 3.64 -7.53
CA THR A 6 0.78 2.39 -7.57
C THR A 6 1.29 1.38 -6.53
N PHE A 7 2.52 0.95 -6.67
CA PHE A 7 3.07 -0.04 -5.70
C PHE A 7 2.89 0.48 -4.27
N PHE A 8 3.42 1.63 -3.98
CA PHE A 8 3.29 2.19 -2.60
C PHE A 8 1.82 2.11 -2.14
N ARG A 9 0.93 2.71 -2.88
CA ARG A 9 -0.51 2.67 -2.49
C ARG A 9 -0.94 1.23 -2.22
N LEU A 10 -0.71 0.35 -3.15
CA LEU A 10 -1.11 -1.07 -2.94
C LEU A 10 -0.56 -1.59 -1.61
N PHE A 11 0.74 -1.52 -1.43
CA PHE A 11 1.34 -2.01 -0.16
C PHE A 11 0.66 -1.34 1.04
N ASN A 12 0.53 -0.04 1.02
CA ASN A 12 -0.12 0.66 2.15
C ASN A 12 -1.55 0.14 2.36
N ARG A 13 -2.29 0.00 1.29
CA ARG A 13 -3.69 -0.50 1.42
C ARG A 13 -3.69 -1.90 2.04
N SER A 14 -2.89 -2.79 1.52
CA SER A 14 -2.84 -4.17 2.07
C SER A 14 -2.43 -4.13 3.55
N PHE A 15 -1.37 -3.44 3.85
CA PHE A 15 -0.91 -3.37 5.28
C PHE A 15 -2.03 -2.80 6.16
N THR A 16 -2.66 -1.74 5.72
CA THR A 16 -3.75 -1.15 6.54
C THR A 16 -4.93 -2.12 6.64
N GLN A 17 -5.45 -2.56 5.52
CA GLN A 17 -6.59 -3.51 5.56
C GLN A 17 -6.26 -4.71 6.46
N ALA A 18 -5.07 -5.23 6.36
CA ALA A 18 -4.69 -6.39 7.21
C ALA A 18 -4.60 -5.97 8.68
N LEU A 19 -3.88 -4.93 8.97
CA LEU A 19 -3.77 -4.46 10.38
C LEU A 19 -5.16 -4.26 10.99
N GLY A 20 -6.07 -3.74 10.23
CA GLY A 20 -7.45 -3.50 10.75
C GLY A 20 -7.68 -2.00 10.93
N LYS A 21 -6.72 -1.18 10.61
CA LYS A 21 -6.90 0.28 10.77
C LYS A 21 -6.36 1.03 9.54
N SER A 1 7.82 11.18 -3.07
CA SER A 1 8.23 10.06 -3.97
C SER A 1 8.04 10.47 -5.43
N GLY A 2 6.82 10.59 -5.87
CA GLY A 2 6.58 10.99 -7.29
C GLY A 2 6.83 9.78 -8.20
N SER A 3 6.80 8.60 -7.66
CA SER A 3 7.03 7.38 -8.50
C SER A 3 6.60 6.12 -7.74
N LEU A 4 6.38 5.05 -8.44
CA LEU A 4 5.96 3.78 -7.76
C LEU A 4 4.66 4.02 -6.97
N SER A 5 3.98 5.09 -7.25
CA SER A 5 2.71 5.37 -6.52
C SER A 5 1.85 4.10 -6.43
N THR A 6 1.56 3.49 -7.55
CA THR A 6 0.74 2.25 -7.53
C THR A 6 1.28 1.28 -6.48
N PHE A 7 2.46 0.77 -6.68
CA PHE A 7 3.04 -0.18 -5.69
C PHE A 7 2.88 0.37 -4.27
N PHE A 8 3.40 1.54 -4.01
CA PHE A 8 3.28 2.12 -2.65
C PHE A 8 1.81 2.10 -2.19
N ARG A 9 0.93 2.68 -2.97
CA ARG A 9 -0.51 2.69 -2.58
C ARG A 9 -0.96 1.28 -2.20
N LEU A 10 -0.78 0.33 -3.07
CA LEU A 10 -1.21 -1.06 -2.76
C LEU A 10 -0.56 -1.52 -1.45
N PHE A 11 0.71 -1.28 -1.28
CA PHE A 11 1.40 -1.71 -0.03
C PHE A 11 0.71 -1.09 1.19
N ASN A 12 0.61 0.22 1.22
CA ASN A 12 -0.05 0.88 2.38
C ASN A 12 -1.47 0.34 2.57
N ARG A 13 -2.26 0.38 1.53
CA ARG A 13 -3.66 -0.12 1.65
C ARG A 13 -3.65 -1.58 2.12
N SER A 14 -2.83 -2.41 1.51
CA SER A 14 -2.78 -3.84 1.93
C SER A 14 -2.46 -3.94 3.42
N PHE A 15 -1.39 -3.32 3.85
CA PHE A 15 -1.03 -3.39 5.30
C PHE A 15 -2.18 -2.88 6.15
N THR A 16 -2.71 -1.73 5.85
CA THR A 16 -3.84 -1.18 6.65
C THR A 16 -5.01 -2.17 6.66
N GLN A 17 -5.34 -2.73 5.53
CA GLN A 17 -6.47 -3.70 5.47
C GLN A 17 -6.16 -4.91 6.36
N ALA A 18 -5.00 -5.50 6.18
CA ALA A 18 -4.65 -6.69 7.01
C ALA A 18 -4.64 -6.31 8.50
N LEU A 19 -4.12 -5.16 8.82
CA LEU A 19 -4.09 -4.74 10.25
C LEU A 19 -5.50 -4.68 10.83
N GLY A 20 -6.38 -3.94 10.21
CA GLY A 20 -7.78 -3.86 10.72
C GLY A 20 -8.61 -5.02 10.16
N LYS A 21 -8.00 -5.87 9.37
CA LYS A 21 -8.76 -7.03 8.80
C LYS A 21 -9.94 -6.52 7.96
N SER A 1 10.78 3.07 -15.83
CA SER A 1 9.30 3.16 -15.71
C SER A 1 8.81 2.32 -14.52
N GLY A 2 7.55 1.98 -14.50
CA GLY A 2 7.03 1.16 -13.37
C GLY A 2 6.25 2.05 -12.40
N SER A 3 6.77 3.20 -12.10
CA SER A 3 6.06 4.12 -11.15
C SER A 3 5.87 3.44 -9.79
N LEU A 4 6.29 4.08 -8.73
CA LEU A 4 6.14 3.46 -7.38
C LEU A 4 4.79 3.84 -6.78
N SER A 5 4.16 4.88 -7.29
CA SER A 5 2.85 5.30 -6.75
C SER A 5 1.96 4.08 -6.52
N THR A 6 1.51 3.45 -7.57
CA THR A 6 0.64 2.25 -7.41
C THR A 6 1.22 1.30 -6.35
N PHE A 7 2.46 0.93 -6.50
CA PHE A 7 3.09 0.02 -5.50
C PHE A 7 2.92 0.59 -4.08
N PHE A 8 3.20 1.85 -3.90
CA PHE A 8 3.06 2.46 -2.55
C PHE A 8 1.61 2.35 -2.07
N ARG A 9 0.68 2.84 -2.86
CA ARG A 9 -0.75 2.76 -2.45
C ARG A 9 -1.14 1.31 -2.16
N LEU A 10 -0.79 0.41 -3.04
CA LEU A 10 -1.14 -1.02 -2.81
C LEU A 10 -0.53 -1.52 -1.50
N PHE A 11 0.72 -1.24 -1.27
CA PHE A 11 1.38 -1.70 -0.01
C PHE A 11 0.67 -1.09 1.20
N ASN A 12 0.51 0.20 1.21
CA ASN A 12 -0.17 0.86 2.37
C ASN A 12 -1.60 0.33 2.51
N ARG A 13 -2.30 0.18 1.42
CA ARG A 13 -3.70 -0.33 1.49
C ARG A 13 -3.71 -1.77 2.02
N SER A 14 -2.97 -2.65 1.41
CA SER A 14 -2.96 -4.06 1.88
C SER A 14 -2.50 -4.12 3.35
N PHE A 15 -1.46 -3.41 3.69
CA PHE A 15 -0.98 -3.42 5.10
C PHE A 15 -2.06 -2.87 6.03
N THR A 16 -2.59 -1.72 5.71
CA THR A 16 -3.65 -1.13 6.58
C THR A 16 -4.82 -2.11 6.73
N GLN A 17 -5.39 -2.53 5.64
CA GLN A 17 -6.54 -3.48 5.71
C GLN A 17 -6.11 -4.78 6.39
N ALA A 18 -4.93 -5.26 6.08
CA ALA A 18 -4.46 -6.53 6.71
C ALA A 18 -4.35 -6.35 8.23
N LEU A 19 -3.46 -5.50 8.67
CA LEU A 19 -3.30 -5.28 10.13
C LEU A 19 -4.65 -4.89 10.77
N GLY A 20 -5.57 -4.42 9.96
CA GLY A 20 -6.89 -4.02 10.51
C GLY A 20 -7.74 -5.27 10.76
N LYS A 21 -7.22 -6.44 10.48
CA LYS A 21 -8.01 -7.68 10.70
C LYS A 21 -8.73 -7.61 12.05
N SER A 1 8.14 12.06 -9.64
CA SER A 1 7.32 11.12 -8.81
C SER A 1 7.62 9.68 -9.20
N GLY A 2 8.52 9.03 -8.50
CA GLY A 2 8.86 7.62 -8.83
C GLY A 2 9.09 6.84 -7.54
N SER A 3 8.16 6.89 -6.62
CA SER A 3 8.33 6.15 -5.35
C SER A 3 7.00 5.52 -4.91
N LEU A 4 5.96 6.30 -4.83
CA LEU A 4 4.64 5.75 -4.42
C LEU A 4 4.10 4.83 -5.51
N SER A 5 3.52 5.39 -6.54
CA SER A 5 2.97 4.54 -7.64
C SER A 5 2.01 3.50 -7.08
N THR A 6 1.24 2.87 -7.94
CA THR A 6 0.27 1.84 -7.45
C THR A 6 0.99 0.84 -6.54
N PHE A 7 2.22 0.53 -6.85
CA PHE A 7 2.98 -0.43 -6.00
C PHE A 7 2.96 0.02 -4.55
N PHE A 8 3.50 1.18 -4.27
CA PHE A 8 3.51 1.67 -2.87
C PHE A 8 2.07 1.87 -2.38
N ARG A 9 1.22 2.43 -3.19
CA ARG A 9 -0.20 2.64 -2.77
C ARG A 9 -0.85 1.29 -2.45
N LEU A 10 -0.69 0.33 -3.31
CA LEU A 10 -1.29 -1.01 -3.03
C LEU A 10 -0.68 -1.62 -1.77
N PHE A 11 0.62 -1.59 -1.66
CA PHE A 11 1.27 -2.17 -0.45
C PHE A 11 0.73 -1.49 0.81
N ASN A 12 0.65 -0.19 0.81
CA ASN A 12 0.12 0.53 2.00
C ASN A 12 -1.34 0.15 2.24
N ARG A 13 -2.17 0.26 1.24
CA ARG A 13 -3.60 -0.09 1.41
C ARG A 13 -3.73 -1.50 1.97
N SER A 14 -3.04 -2.44 1.39
CA SER A 14 -3.12 -3.85 1.89
C SER A 14 -2.62 -3.91 3.33
N PHE A 15 -1.45 -3.40 3.60
CA PHE A 15 -0.92 -3.43 4.99
C PHE A 15 -1.93 -2.79 5.96
N THR A 16 -2.50 -1.69 5.58
CA THR A 16 -3.49 -1.03 6.47
C THR A 16 -4.71 -1.93 6.67
N GLN A 17 -5.28 -2.42 5.60
CA GLN A 17 -6.47 -3.30 5.74
C GLN A 17 -6.14 -4.51 6.63
N ALA A 18 -5.03 -5.15 6.40
CA ALA A 18 -4.66 -6.32 7.23
C ALA A 18 -4.43 -5.89 8.68
N LEU A 19 -3.72 -4.81 8.88
CA LEU A 19 -3.47 -4.34 10.28
C LEU A 19 -4.78 -4.25 11.05
N GLY A 20 -5.81 -3.75 10.43
CA GLY A 20 -7.12 -3.64 11.14
C GLY A 20 -7.25 -2.25 11.76
N LYS A 21 -6.27 -1.41 11.59
CA LYS A 21 -6.35 -0.03 12.18
C LYS A 21 -6.33 -0.12 13.71
N SER A 1 13.06 4.63 -8.57
CA SER A 1 11.67 4.63 -8.03
C SER A 1 11.71 4.54 -6.50
N GLY A 2 11.36 5.60 -5.83
CA GLY A 2 11.37 5.57 -4.34
C GLY A 2 10.23 4.67 -3.83
N SER A 3 9.29 5.25 -3.14
CA SER A 3 8.15 4.42 -2.62
C SER A 3 6.82 5.13 -2.90
N LEU A 4 6.20 4.84 -4.00
CA LEU A 4 4.90 5.49 -4.34
C LEU A 4 4.21 4.76 -5.49
N SER A 5 3.56 5.48 -6.35
CA SER A 5 2.87 4.82 -7.50
C SER A 5 1.96 3.70 -6.99
N THR A 6 1.28 3.02 -7.89
CA THR A 6 0.37 1.92 -7.47
C THR A 6 1.10 0.98 -6.49
N PHE A 7 2.28 0.55 -6.83
CA PHE A 7 3.04 -0.35 -5.93
C PHE A 7 2.92 0.12 -4.48
N PHE A 8 3.44 1.29 -4.20
CA PHE A 8 3.35 1.82 -2.81
C PHE A 8 1.89 1.93 -2.37
N ARG A 9 1.05 2.46 -3.23
CA ARG A 9 -0.39 2.59 -2.86
C ARG A 9 -0.98 1.22 -2.52
N LEU A 10 -0.74 0.24 -3.35
CA LEU A 10 -1.29 -1.12 -3.08
C LEU A 10 -0.70 -1.66 -1.78
N PHE A 11 0.59 -1.63 -1.64
CA PHE A 11 1.23 -2.15 -0.39
C PHE A 11 0.64 -1.45 0.82
N ASN A 12 0.47 -0.16 0.76
CA ASN A 12 -0.11 0.58 1.92
C ASN A 12 -1.56 0.16 2.15
N ARG A 13 -2.36 0.15 1.11
CA ARG A 13 -3.78 -0.27 1.27
C ARG A 13 -3.86 -1.67 1.89
N SER A 14 -3.20 -2.62 1.29
CA SER A 14 -3.25 -4.01 1.83
C SER A 14 -2.65 -4.04 3.25
N PHE A 15 -1.51 -3.43 3.42
CA PHE A 15 -0.87 -3.42 4.78
C PHE A 15 -1.80 -2.76 5.79
N THR A 16 -2.39 -1.66 5.44
CA THR A 16 -3.31 -0.96 6.39
C THR A 16 -4.54 -1.83 6.67
N GLN A 17 -5.14 -2.37 5.63
CA GLN A 17 -6.35 -3.22 5.84
C GLN A 17 -6.00 -4.44 6.70
N ALA A 18 -4.87 -5.05 6.43
CA ALA A 18 -4.47 -6.25 7.25
C ALA A 18 -4.15 -5.83 8.68
N LEU A 19 -3.29 -4.86 8.84
CA LEU A 19 -2.92 -4.42 10.22
C LEU A 19 -4.19 -4.16 11.04
N GLY A 20 -5.25 -3.76 10.41
CA GLY A 20 -6.52 -3.50 11.15
C GLY A 20 -6.51 -2.07 11.69
N LYS A 21 -5.46 -1.32 11.44
CA LYS A 21 -5.41 0.08 11.95
C LYS A 21 -5.69 0.11 13.46
N SER A 1 12.03 7.78 -5.27
CA SER A 1 12.80 7.65 -4.00
C SER A 1 12.93 6.16 -3.61
N GLY A 2 11.91 5.38 -3.89
CA GLY A 2 11.97 3.93 -3.54
C GLY A 2 10.73 3.22 -4.07
N SER A 3 9.66 3.25 -3.32
CA SER A 3 8.41 2.58 -3.78
C SER A 3 7.84 3.31 -5.01
N LEU A 4 6.77 2.79 -5.57
CA LEU A 4 6.18 3.45 -6.76
C LEU A 4 4.73 3.87 -6.47
N SER A 5 4.22 4.82 -7.20
CA SER A 5 2.82 5.26 -6.97
C SER A 5 1.91 4.06 -6.76
N THR A 6 1.59 3.36 -7.81
CA THR A 6 0.70 2.16 -7.68
C THR A 6 1.20 1.26 -6.56
N PHE A 7 2.41 0.77 -6.68
CA PHE A 7 2.96 -0.12 -5.62
C PHE A 7 2.75 0.51 -4.24
N PHE A 8 3.31 1.65 -4.01
CA PHE A 8 3.15 2.31 -2.69
C PHE A 8 1.69 2.26 -2.24
N ARG A 9 0.79 2.76 -3.06
CA ARG A 9 -0.64 2.74 -2.68
C ARG A 9 -1.07 1.33 -2.32
N LEU A 10 -0.93 0.39 -3.22
CA LEU A 10 -1.34 -1.00 -2.92
C LEU A 10 -0.72 -1.46 -1.59
N PHE A 11 0.54 -1.18 -1.38
CA PHE A 11 1.19 -1.59 -0.10
C PHE A 11 0.48 -0.93 1.09
N ASN A 12 0.35 0.37 1.06
CA ASN A 12 -0.32 1.06 2.20
C ASN A 12 -1.71 0.48 2.42
N ARG A 13 -2.52 0.41 1.39
CA ARG A 13 -3.88 -0.16 1.57
C ARG A 13 -3.80 -1.59 2.09
N SER A 14 -3.12 -2.46 1.38
CA SER A 14 -3.01 -3.87 1.85
C SER A 14 -2.52 -3.91 3.30
N PHE A 15 -1.50 -3.16 3.61
CA PHE A 15 -0.98 -3.17 5.01
C PHE A 15 -2.07 -2.74 5.99
N THR A 16 -2.65 -1.59 5.77
CA THR A 16 -3.73 -1.11 6.69
C THR A 16 -4.81 -2.18 6.83
N GLN A 17 -5.32 -2.67 5.72
CA GLN A 17 -6.39 -3.71 5.80
C GLN A 17 -5.84 -4.97 6.47
N ALA A 18 -4.72 -5.47 6.02
CA ALA A 18 -4.15 -6.70 6.64
C ALA A 18 -3.78 -6.43 8.11
N LEU A 19 -2.79 -5.62 8.35
CA LEU A 19 -2.39 -5.32 9.75
C LEU A 19 -3.55 -4.66 10.50
N GLY A 20 -4.57 -4.24 9.81
CA GLY A 20 -5.72 -3.59 10.49
C GLY A 20 -6.56 -4.65 11.21
N LYS A 21 -6.17 -5.90 11.13
CA LYS A 21 -6.95 -6.96 11.82
C LYS A 21 -6.62 -6.99 13.31
N SER A 1 3.30 4.42 -16.91
CA SER A 1 4.06 4.11 -15.67
C SER A 1 3.79 5.16 -14.60
N GLY A 2 4.15 6.39 -14.86
CA GLY A 2 3.93 7.47 -13.86
C GLY A 2 4.96 7.36 -12.74
N SER A 3 4.83 6.37 -11.89
CA SER A 3 5.81 6.21 -10.79
C SER A 3 5.46 4.98 -9.95
N LEU A 4 6.04 4.85 -8.78
CA LEU A 4 5.74 3.68 -7.92
C LEU A 4 4.48 3.94 -7.09
N SER A 5 3.72 4.95 -7.44
CA SER A 5 2.48 5.25 -6.66
C SER A 5 1.65 3.98 -6.47
N THR A 6 1.30 3.32 -7.54
CA THR A 6 0.49 2.08 -7.42
C THR A 6 1.15 1.12 -6.42
N PHE A 7 2.43 0.96 -6.50
CA PHE A 7 3.13 0.03 -5.55
C PHE A 7 3.00 0.56 -4.11
N PHE A 8 3.54 1.71 -3.85
CA PHE A 8 3.46 2.27 -2.47
C PHE A 8 2.01 2.21 -1.97
N ARG A 9 1.09 2.73 -2.73
CA ARG A 9 -0.34 2.71 -2.30
C ARG A 9 -0.78 1.27 -2.02
N LEU A 10 -0.60 0.38 -2.96
CA LEU A 10 -1.01 -1.03 -2.75
C LEU A 10 -0.42 -1.55 -1.44
N PHE A 11 0.84 -1.33 -1.21
CA PHE A 11 1.47 -1.82 0.05
C PHE A 11 0.80 -1.17 1.26
N ASN A 12 0.68 0.13 1.26
CA ASN A 12 0.02 0.82 2.41
C ASN A 12 -1.42 0.32 2.58
N ARG A 13 -2.20 0.38 1.55
CA ARG A 13 -3.61 -0.09 1.65
C ARG A 13 -3.65 -1.53 2.15
N SER A 14 -2.96 -2.42 1.48
CA SER A 14 -2.96 -3.85 1.91
C SER A 14 -2.50 -3.96 3.37
N PHE A 15 -1.51 -3.19 3.75
CA PHE A 15 -1.02 -3.25 5.15
C PHE A 15 -2.12 -2.82 6.12
N THR A 16 -2.72 -1.68 5.89
CA THR A 16 -3.81 -1.21 6.78
C THR A 16 -5.00 -2.16 6.73
N GLN A 17 -5.40 -2.55 5.55
CA GLN A 17 -6.57 -3.48 5.42
C GLN A 17 -6.26 -4.80 6.12
N ALA A 18 -5.06 -5.30 5.97
CA ALA A 18 -4.71 -6.59 6.63
C ALA A 18 -4.61 -6.39 8.15
N LEU A 19 -3.75 -5.51 8.58
CA LEU A 19 -3.61 -5.28 10.05
C LEU A 19 -4.97 -4.99 10.67
N GLY A 20 -5.93 -4.58 9.88
CA GLY A 20 -7.28 -4.27 10.43
C GLY A 20 -8.03 -5.59 10.69
N LYS A 21 -7.42 -6.71 10.42
CA LYS A 21 -8.12 -8.01 10.66
C LYS A 21 -7.16 -9.00 11.34
N SER A 1 1.59 3.35 -16.89
CA SER A 1 1.40 4.60 -16.11
C SER A 1 1.45 4.29 -14.60
N GLY A 2 2.62 4.34 -14.02
CA GLY A 2 2.73 4.04 -12.56
C GLY A 2 3.99 3.22 -12.31
N SER A 3 4.93 3.77 -11.58
CA SER A 3 6.18 3.00 -11.30
C SER A 3 6.30 2.73 -9.81
N LEU A 4 6.17 3.75 -8.99
CA LEU A 4 6.27 3.54 -7.52
C LEU A 4 4.95 3.91 -6.84
N SER A 5 4.34 5.00 -7.24
CA SER A 5 3.05 5.41 -6.61
C SER A 5 2.12 4.20 -6.49
N THR A 6 1.68 3.65 -7.58
CA THR A 6 0.78 2.46 -7.51
C THR A 6 1.27 1.48 -6.46
N PHE A 7 2.47 0.99 -6.60
CA PHE A 7 3.01 0.03 -5.59
C PHE A 7 2.83 0.58 -4.18
N PHE A 8 3.24 1.80 -3.94
CA PHE A 8 3.10 2.39 -2.59
C PHE A 8 1.64 2.30 -2.13
N ARG A 9 0.73 2.80 -2.92
CA ARG A 9 -0.71 2.74 -2.52
C ARG A 9 -1.12 1.31 -2.23
N LEU A 10 -0.79 0.39 -3.10
CA LEU A 10 -1.17 -1.04 -2.87
C LEU A 10 -0.61 -1.52 -1.53
N PHE A 11 0.66 -1.33 -1.30
CA PHE A 11 1.27 -1.77 -0.01
C PHE A 11 0.55 -1.11 1.17
N ASN A 12 0.43 0.19 1.15
CA ASN A 12 -0.27 0.89 2.27
C ASN A 12 -1.66 0.31 2.47
N ARG A 13 -2.40 0.12 1.41
CA ARG A 13 -3.77 -0.44 1.54
C ARG A 13 -3.71 -1.87 2.10
N SER A 14 -2.90 -2.71 1.52
CA SER A 14 -2.79 -4.11 2.01
C SER A 14 -2.45 -4.12 3.50
N PHE A 15 -1.48 -3.34 3.90
CA PHE A 15 -1.09 -3.31 5.34
C PHE A 15 -2.23 -2.74 6.18
N THR A 16 -2.70 -1.57 5.83
CA THR A 16 -3.81 -0.95 6.62
C THR A 16 -4.97 -1.95 6.76
N GLN A 17 -5.29 -2.65 5.71
CA GLN A 17 -6.41 -3.64 5.78
C GLN A 17 -5.94 -4.90 6.52
N ALA A 18 -4.94 -5.56 6.01
CA ALA A 18 -4.45 -6.80 6.68
C ALA A 18 -4.34 -6.58 8.18
N LEU A 19 -3.62 -5.56 8.60
CA LEU A 19 -3.48 -5.29 10.05
C LEU A 19 -4.86 -5.26 10.73
N GLY A 20 -5.70 -4.34 10.32
CA GLY A 20 -7.06 -4.26 10.93
C GLY A 20 -7.11 -3.06 11.89
N LYS A 21 -6.04 -2.34 12.02
CA LYS A 21 -6.04 -1.17 12.95
C LYS A 21 -6.12 0.13 12.16
N SER A 1 8.84 1.27 -17.18
CA SER A 1 8.48 0.63 -15.89
C SER A 1 8.34 1.68 -14.79
N GLY A 2 8.62 1.33 -13.57
CA GLY A 2 8.50 2.31 -12.46
C GLY A 2 7.30 1.95 -11.58
N SER A 3 6.17 2.55 -11.83
CA SER A 3 4.96 2.23 -11.01
C SER A 3 5.28 2.41 -9.52
N LEU A 4 5.75 3.57 -9.13
CA LEU A 4 6.08 3.80 -7.69
C LEU A 4 4.80 4.07 -6.91
N SER A 5 4.10 5.13 -7.22
CA SER A 5 2.85 5.45 -6.48
C SER A 5 1.97 4.20 -6.37
N THR A 6 1.60 3.62 -7.47
CA THR A 6 0.75 2.39 -7.42
C THR A 6 1.30 1.41 -6.39
N PHE A 7 2.55 1.03 -6.52
CA PHE A 7 3.14 0.07 -5.55
C PHE A 7 2.94 0.58 -4.12
N PHE A 8 3.40 1.77 -3.83
CA PHE A 8 3.25 2.32 -2.46
C PHE A 8 1.78 2.24 -2.02
N ARG A 9 0.89 2.73 -2.84
CA ARG A 9 -0.56 2.68 -2.48
C ARG A 9 -0.99 1.24 -2.21
N LEU A 10 -0.67 0.34 -3.10
CA LEU A 10 -1.07 -1.09 -2.89
C LEU A 10 -0.53 -1.59 -1.56
N PHE A 11 0.74 -1.44 -1.32
CA PHE A 11 1.33 -1.91 -0.04
C PHE A 11 0.65 -1.24 1.14
N ASN A 12 0.49 0.06 1.08
CA ASN A 12 -0.18 0.78 2.21
C ASN A 12 -1.60 0.25 2.41
N ARG A 13 -2.37 0.19 1.36
CA ARG A 13 -3.77 -0.31 1.48
C ARG A 13 -3.77 -1.74 2.06
N SER A 14 -3.00 -2.62 1.49
CA SER A 14 -2.96 -4.02 2.00
C SER A 14 -2.55 -4.02 3.47
N PHE A 15 -1.54 -3.28 3.83
CA PHE A 15 -1.09 -3.24 5.25
C PHE A 15 -2.21 -2.71 6.14
N THR A 16 -2.74 -1.55 5.84
CA THR A 16 -3.83 -0.99 6.67
C THR A 16 -5.00 -1.97 6.74
N GLN A 17 -5.30 -2.63 5.66
CA GLN A 17 -6.43 -3.60 5.66
C GLN A 17 -6.04 -4.87 6.43
N ALA A 18 -4.99 -5.53 6.02
CA ALA A 18 -4.56 -6.76 6.74
C ALA A 18 -4.39 -6.47 8.23
N LEU A 19 -3.95 -5.30 8.58
CA LEU A 19 -3.77 -4.95 10.02
C LEU A 19 -5.11 -4.96 10.74
N GLY A 20 -6.09 -4.26 10.21
CA GLY A 20 -7.42 -4.22 10.87
C GLY A 20 -8.30 -5.34 10.30
N LYS A 21 -7.79 -6.12 9.38
CA LYS A 21 -8.60 -7.22 8.80
C LYS A 21 -7.76 -8.48 8.63
N SER A 1 13.36 6.81 -8.89
CA SER A 1 12.11 6.76 -8.08
C SER A 1 11.25 5.56 -8.50
N GLY A 2 11.47 4.43 -7.88
CA GLY A 2 10.67 3.23 -8.24
C GLY A 2 9.67 2.91 -7.13
N SER A 3 9.28 3.90 -6.38
CA SER A 3 8.31 3.66 -5.27
C SER A 3 6.97 4.35 -5.58
N LEU A 4 6.21 4.68 -4.56
CA LEU A 4 4.90 5.35 -4.80
C LEU A 4 4.10 4.58 -5.86
N SER A 5 3.35 5.28 -6.67
CA SER A 5 2.54 4.60 -7.71
C SER A 5 1.68 3.49 -7.09
N THR A 6 0.95 2.78 -7.90
CA THR A 6 0.09 1.68 -7.35
C THR A 6 0.90 0.81 -6.40
N PHE A 7 2.07 0.38 -6.81
CA PHE A 7 2.90 -0.48 -5.92
C PHE A 7 2.88 0.06 -4.48
N PHE A 8 3.41 1.23 -4.29
CA PHE A 8 3.43 1.81 -2.91
C PHE A 8 1.99 1.94 -2.39
N ARG A 9 1.11 2.47 -3.19
CA ARG A 9 -0.31 2.63 -2.74
C ARG A 9 -0.88 1.26 -2.33
N LEU A 10 -0.68 0.26 -3.14
CA LEU A 10 -1.20 -1.09 -2.80
C LEU A 10 -0.55 -1.60 -1.51
N PHE A 11 0.74 -1.46 -1.39
CA PHE A 11 1.44 -1.93 -0.16
C PHE A 11 0.87 -1.23 1.07
N ASN A 12 0.78 0.08 1.03
CA ASN A 12 0.22 0.82 2.20
C ASN A 12 -1.23 0.42 2.43
N ARG A 13 -2.07 0.56 1.45
CA ARG A 13 -3.50 0.19 1.61
C ARG A 13 -3.62 -1.25 2.09
N SER A 14 -2.94 -2.17 1.45
CA SER A 14 -3.01 -3.59 1.87
C SER A 14 -2.55 -3.73 3.32
N PHE A 15 -1.44 -3.14 3.67
CA PHE A 15 -0.95 -3.24 5.07
C PHE A 15 -2.01 -2.70 6.04
N THR A 16 -2.53 -1.53 5.79
CA THR A 16 -3.56 -0.96 6.70
C THR A 16 -4.78 -1.88 6.76
N GLN A 17 -5.21 -2.38 5.63
CA GLN A 17 -6.40 -3.28 5.62
C GLN A 17 -6.03 -4.63 6.26
N ALA A 18 -5.00 -5.26 5.78
CA ALA A 18 -4.59 -6.57 6.37
C ALA A 18 -4.43 -6.46 7.88
N LEU A 19 -3.79 -5.42 8.34
CA LEU A 19 -3.60 -5.24 9.81
C LEU A 19 -4.96 -5.23 10.52
N GLY A 20 -5.90 -4.50 9.99
CA GLY A 20 -7.25 -4.43 10.63
C GLY A 20 -7.20 -3.50 11.84
N LYS A 21 -6.06 -2.92 12.12
CA LYS A 21 -5.96 -2.00 13.30
C LYS A 21 -5.18 -0.74 12.91
N SER A 1 9.01 6.94 -11.83
CA SER A 1 7.78 6.46 -12.52
C SER A 1 7.81 4.94 -12.66
N GLY A 2 8.96 4.34 -12.56
CA GLY A 2 9.05 2.86 -12.68
C GLY A 2 8.50 2.22 -11.40
N SER A 3 7.22 1.97 -11.34
CA SER A 3 6.63 1.34 -10.13
C SER A 3 6.92 2.21 -8.90
N LEU A 4 6.00 3.05 -8.53
CA LEU A 4 6.22 3.92 -7.33
C LEU A 4 4.88 4.25 -6.66
N SER A 5 4.07 5.04 -7.30
CA SER A 5 2.74 5.40 -6.71
C SER A 5 1.90 4.14 -6.50
N THR A 6 1.38 3.59 -7.57
CA THR A 6 0.54 2.36 -7.43
C THR A 6 1.19 1.38 -6.45
N PHE A 7 2.48 1.21 -6.52
CA PHE A 7 3.17 0.28 -5.60
C PHE A 7 2.94 0.71 -4.15
N PHE A 8 3.36 1.90 -3.80
CA PHE A 8 3.17 2.38 -2.40
C PHE A 8 1.68 2.30 -2.01
N ARG A 9 0.82 2.77 -2.86
CA ARG A 9 -0.64 2.72 -2.54
C ARG A 9 -1.06 1.28 -2.24
N LEU A 10 -0.77 0.37 -3.12
CA LEU A 10 -1.16 -1.05 -2.88
C LEU A 10 -0.53 -1.57 -1.57
N PHE A 11 0.74 -1.35 -1.39
CA PHE A 11 1.40 -1.82 -0.14
C PHE A 11 0.69 -1.25 1.08
N ASN A 12 0.42 0.03 1.08
CA ASN A 12 -0.27 0.64 2.26
C ASN A 12 -1.68 0.05 2.41
N ARG A 13 -2.49 0.13 1.38
CA ARG A 13 -3.86 -0.43 1.47
C ARG A 13 -3.82 -1.87 1.99
N SER A 14 -2.94 -2.67 1.47
CA SER A 14 -2.84 -4.09 1.93
C SER A 14 -2.42 -4.13 3.40
N PHE A 15 -1.37 -3.44 3.74
CA PHE A 15 -0.90 -3.45 5.16
C PHE A 15 -1.98 -2.85 6.07
N THR A 16 -2.52 -1.72 5.70
CA THR A 16 -3.59 -1.10 6.55
C THR A 16 -4.81 -2.01 6.63
N GLN A 17 -5.21 -2.59 5.53
CA GLN A 17 -6.39 -3.49 5.54
C GLN A 17 -6.12 -4.71 6.42
N ALA A 18 -4.99 -5.35 6.24
CA ALA A 18 -4.67 -6.54 7.08
C ALA A 18 -4.55 -6.14 8.55
N LEU A 19 -3.87 -5.06 8.83
CA LEU A 19 -3.72 -4.62 10.25
C LEU A 19 -5.09 -4.53 10.92
N GLY A 20 -6.07 -4.02 10.23
CA GLY A 20 -7.43 -3.91 10.83
C GLY A 20 -8.13 -5.27 10.76
N LYS A 21 -7.49 -6.27 10.23
CA LYS A 21 -8.13 -7.61 10.14
C LYS A 21 -7.23 -8.67 10.79
N SER A 1 9.56 5.68 -18.15
CA SER A 1 9.40 4.89 -16.89
C SER A 1 8.48 5.62 -15.91
N GLY A 2 7.53 4.94 -15.35
CA GLY A 2 6.60 5.60 -14.40
C GLY A 2 7.25 5.68 -13.01
N SER A 3 6.46 5.77 -11.98
CA SER A 3 7.05 5.86 -10.60
C SER A 3 6.62 4.64 -9.78
N LEU A 4 6.49 4.81 -8.49
CA LEU A 4 6.08 3.67 -7.63
C LEU A 4 4.76 3.99 -6.90
N SER A 5 4.16 5.10 -7.23
CA SER A 5 2.88 5.48 -6.56
C SER A 5 1.97 4.26 -6.46
N THR A 6 1.63 3.65 -7.57
CA THR A 6 0.74 2.46 -7.53
C THR A 6 1.26 1.44 -6.51
N PHE A 7 2.44 0.94 -6.72
CA PHE A 7 3.01 -0.06 -5.77
C PHE A 7 2.83 0.43 -4.33
N PHE A 8 3.44 1.54 -3.99
CA PHE A 8 3.30 2.06 -2.60
C PHE A 8 1.83 2.06 -2.18
N ARG A 9 0.97 2.63 -2.99
CA ARG A 9 -0.47 2.67 -2.63
C ARG A 9 -0.97 1.26 -2.27
N LEU A 10 -0.73 0.31 -3.13
CA LEU A 10 -1.18 -1.08 -2.85
C LEU A 10 -0.56 -1.58 -1.53
N PHE A 11 0.71 -1.34 -1.34
CA PHE A 11 1.37 -1.79 -0.09
C PHE A 11 0.66 -1.18 1.14
N ASN A 12 0.55 0.11 1.18
CA ASN A 12 -0.13 0.77 2.34
C ASN A 12 -1.56 0.23 2.48
N ARG A 13 -2.31 0.21 1.41
CA ARG A 13 -3.71 -0.29 1.49
C ARG A 13 -3.73 -1.70 2.08
N SER A 14 -2.96 -2.61 1.55
CA SER A 14 -2.93 -4.00 2.09
C SER A 14 -2.50 -3.97 3.56
N PHE A 15 -1.50 -3.20 3.88
CA PHE A 15 -1.03 -3.13 5.29
C PHE A 15 -2.18 -2.69 6.22
N THR A 16 -2.82 -1.61 5.89
CA THR A 16 -3.95 -1.13 6.74
C THR A 16 -5.08 -2.17 6.76
N GLN A 17 -5.41 -2.71 5.62
CA GLN A 17 -6.50 -3.74 5.58
C GLN A 17 -6.11 -4.95 6.42
N ALA A 18 -4.94 -5.47 6.24
CA ALA A 18 -4.51 -6.66 7.03
C ALA A 18 -4.45 -6.31 8.52
N LEU A 19 -3.89 -5.19 8.86
CA LEU A 19 -3.80 -4.79 10.29
C LEU A 19 -5.20 -4.67 10.89
N GLY A 20 -6.12 -4.08 10.17
CA GLY A 20 -7.50 -3.92 10.69
C GLY A 20 -7.82 -2.43 10.88
N LYS A 21 -6.89 -1.56 10.57
CA LYS A 21 -7.15 -0.11 10.75
C LYS A 21 -7.81 0.15 12.10
N SER A 1 2.33 9.48 -11.35
CA SER A 1 3.06 10.66 -10.81
C SER A 1 3.84 10.27 -9.55
N GLY A 2 4.85 9.46 -9.70
CA GLY A 2 5.65 9.04 -8.51
C GLY A 2 6.46 7.80 -8.86
N SER A 3 7.53 7.55 -8.14
CA SER A 3 8.36 6.35 -8.43
C SER A 3 7.50 5.08 -8.38
N LEU A 4 7.03 4.73 -7.21
CA LEU A 4 6.18 3.50 -7.08
C LEU A 4 4.78 3.88 -6.61
N SER A 5 4.21 4.91 -7.17
CA SER A 5 2.84 5.33 -6.76
C SER A 5 1.95 4.10 -6.61
N THR A 6 1.53 3.52 -7.71
CA THR A 6 0.66 2.32 -7.63
C THR A 6 1.16 1.36 -6.56
N PHE A 7 2.38 0.90 -6.69
CA PHE A 7 2.94 -0.04 -5.68
C PHE A 7 2.72 0.51 -4.27
N PHE A 8 3.30 1.64 -3.97
CA PHE A 8 3.13 2.24 -2.61
C PHE A 8 1.67 2.16 -2.18
N ARG A 9 0.78 2.70 -2.97
CA ARG A 9 -0.66 2.65 -2.61
C ARG A 9 -1.09 1.22 -2.28
N LEU A 10 -0.91 0.31 -3.20
CA LEU A 10 -1.30 -1.11 -2.94
C LEU A 10 -0.70 -1.59 -1.63
N PHE A 11 0.58 -1.38 -1.43
CA PHE A 11 1.22 -1.83 -0.16
C PHE A 11 0.57 -1.14 1.04
N ASN A 12 0.37 0.15 0.96
CA ASN A 12 -0.27 0.87 2.09
C ASN A 12 -1.65 0.28 2.40
N ARG A 13 -2.49 0.18 1.41
CA ARG A 13 -3.85 -0.39 1.65
C ARG A 13 -3.74 -1.81 2.20
N SER A 14 -2.93 -2.64 1.57
CA SER A 14 -2.77 -4.03 2.07
C SER A 14 -2.31 -4.04 3.52
N PHE A 15 -1.37 -3.21 3.86
CA PHE A 15 -0.87 -3.16 5.27
C PHE A 15 -1.98 -2.68 6.20
N THR A 16 -2.60 -1.57 5.89
CA THR A 16 -3.69 -1.06 6.77
C THR A 16 -4.87 -2.04 6.78
N GLN A 17 -5.27 -2.51 5.63
CA GLN A 17 -6.40 -3.47 5.58
C GLN A 17 -6.05 -4.76 6.32
N ALA A 18 -4.87 -5.28 6.09
CA ALA A 18 -4.47 -6.54 6.78
C ALA A 18 -4.39 -6.30 8.29
N LEU A 19 -3.77 -5.24 8.71
CA LEU A 19 -3.67 -4.95 10.18
C LEU A 19 -5.06 -4.90 10.80
N GLY A 20 -6.03 -4.43 10.08
CA GLY A 20 -7.41 -4.34 10.64
C GLY A 20 -8.09 -5.71 10.50
N LYS A 21 -7.41 -6.69 9.97
CA LYS A 21 -8.04 -8.03 9.83
C LYS A 21 -7.09 -8.99 9.08
N SER A 1 10.40 8.63 -14.42
CA SER A 1 9.94 7.85 -15.61
C SER A 1 9.53 6.43 -15.18
N GLY A 2 8.38 6.30 -14.59
CA GLY A 2 7.91 4.95 -14.16
C GLY A 2 6.66 5.08 -13.31
N SER A 3 6.44 4.18 -12.40
CA SER A 3 5.23 4.26 -11.54
C SER A 3 5.52 3.69 -10.15
N LEU A 4 5.64 4.54 -9.16
CA LEU A 4 5.93 4.05 -7.79
C LEU A 4 4.68 4.16 -6.91
N SER A 5 3.84 5.12 -7.17
CA SER A 5 2.60 5.28 -6.36
C SER A 5 1.83 3.96 -6.31
N THR A 6 1.49 3.42 -7.44
CA THR A 6 0.73 2.14 -7.45
C THR A 6 1.32 1.17 -6.42
N PHE A 7 2.56 0.82 -6.57
CA PHE A 7 3.19 -0.13 -5.59
C PHE A 7 3.06 0.42 -4.17
N PHE A 8 3.37 1.67 -3.97
CA PHE A 8 3.26 2.26 -2.61
C PHE A 8 1.81 2.19 -2.11
N ARG A 9 0.93 2.94 -2.71
CA ARG A 9 -0.50 2.91 -2.27
C ARG A 9 -0.96 1.46 -2.11
N LEU A 10 -0.52 0.59 -2.97
CA LEU A 10 -0.94 -0.84 -2.89
C LEU A 10 -0.44 -1.44 -1.56
N PHE A 11 0.85 -1.41 -1.34
CA PHE A 11 1.40 -1.99 -0.08
C PHE A 11 0.74 -1.33 1.13
N ASN A 12 0.68 -0.01 1.14
CA ASN A 12 0.05 0.69 2.29
C ASN A 12 -1.39 0.22 2.48
N ARG A 13 -2.19 0.30 1.45
CA ARG A 13 -3.61 -0.14 1.57
C ARG A 13 -3.67 -1.59 2.08
N SER A 14 -2.94 -2.48 1.46
CA SER A 14 -2.96 -3.89 1.93
C SER A 14 -2.55 -3.98 3.40
N PHE A 15 -1.55 -3.25 3.79
CA PHE A 15 -1.11 -3.29 5.21
C PHE A 15 -2.23 -2.79 6.13
N THR A 16 -2.82 -1.66 5.82
CA THR A 16 -3.92 -1.13 6.66
C THR A 16 -5.09 -2.12 6.70
N GLN A 17 -5.43 -2.69 5.57
CA GLN A 17 -6.56 -3.67 5.54
C GLN A 17 -6.21 -4.88 6.38
N ALA A 18 -5.09 -5.50 6.13
CA ALA A 18 -4.69 -6.70 6.92
C ALA A 18 -4.42 -6.31 8.38
N LEU A 19 -3.61 -5.31 8.59
CA LEU A 19 -3.30 -4.87 9.98
C LEU A 19 -4.60 -4.62 10.76
N GLY A 20 -5.67 -4.33 10.07
CA GLY A 20 -6.96 -4.07 10.76
C GLY A 20 -7.90 -5.26 10.55
N LYS A 21 -7.47 -6.27 9.86
CA LYS A 21 -8.36 -7.45 9.63
C LYS A 21 -9.06 -7.85 10.93
N SER A 1 10.26 12.49 -12.94
CA SER A 1 9.21 11.98 -12.02
C SER A 1 9.08 10.45 -12.15
N GLY A 2 8.50 9.81 -11.19
CA GLY A 2 8.35 8.33 -11.26
C GLY A 2 6.90 7.94 -10.97
N SER A 3 6.57 6.69 -11.13
CA SER A 3 5.17 6.25 -10.86
C SER A 3 5.16 5.11 -9.84
N LEU A 4 5.71 5.33 -8.68
CA LEU A 4 5.73 4.25 -7.65
C LEU A 4 4.45 4.30 -6.82
N SER A 5 3.67 5.34 -6.95
CA SER A 5 2.41 5.44 -6.17
C SER A 5 1.65 4.11 -6.23
N THR A 6 1.52 3.54 -7.39
CA THR A 6 0.78 2.23 -7.50
C THR A 6 1.34 1.24 -6.48
N PHE A 7 2.56 0.82 -6.65
CA PHE A 7 3.15 -0.17 -5.69
C PHE A 7 3.03 0.36 -4.26
N PHE A 8 3.53 1.54 -4.00
CA PHE A 8 3.45 2.11 -2.63
C PHE A 8 2.00 2.06 -2.13
N ARG A 9 1.10 2.67 -2.85
CA ARG A 9 -0.34 2.65 -2.41
C ARG A 9 -0.81 1.22 -2.20
N LEU A 10 -0.52 0.34 -3.12
CA LEU A 10 -0.96 -1.07 -2.96
C LEU A 10 -0.45 -1.65 -1.65
N PHE A 11 0.84 -1.58 -1.42
CA PHE A 11 1.41 -2.12 -0.14
C PHE A 11 0.75 -1.43 1.06
N ASN A 12 0.77 -0.13 1.08
CA ASN A 12 0.15 0.61 2.23
C ASN A 12 -1.30 0.15 2.42
N ARG A 13 -2.09 0.20 1.39
CA ARG A 13 -3.52 -0.23 1.51
C ARG A 13 -3.58 -1.67 2.06
N SER A 14 -2.81 -2.56 1.50
CA SER A 14 -2.84 -3.97 1.98
C SER A 14 -2.51 -4.02 3.48
N PHE A 15 -1.44 -3.39 3.89
CA PHE A 15 -1.07 -3.41 5.33
C PHE A 15 -2.20 -2.80 6.17
N THR A 16 -2.76 -1.71 5.72
CA THR A 16 -3.86 -1.07 6.50
C THR A 16 -5.06 -2.02 6.60
N GLN A 17 -5.47 -2.59 5.50
CA GLN A 17 -6.63 -3.53 5.53
C GLN A 17 -6.31 -4.73 6.43
N ALA A 18 -5.15 -5.30 6.26
CA ALA A 18 -4.79 -6.49 7.09
C ALA A 18 -4.66 -6.07 8.57
N LEU A 19 -3.93 -5.01 8.83
CA LEU A 19 -3.77 -4.56 10.24
C LEU A 19 -5.14 -4.36 10.90
N GLY A 20 -6.12 -3.95 10.14
CA GLY A 20 -7.47 -3.74 10.72
C GLY A 20 -8.16 -5.09 10.93
N LYS A 21 -7.50 -6.17 10.60
CA LYS A 21 -8.12 -7.52 10.79
C LYS A 21 -7.06 -8.53 11.22
N SER A 1 10.49 14.14 -7.85
CA SER A 1 9.53 13.30 -8.64
C SER A 1 9.26 11.98 -7.90
N GLY A 2 10.11 11.01 -8.09
CA GLY A 2 9.89 9.69 -7.41
C GLY A 2 9.14 8.75 -8.34
N SER A 3 8.48 7.77 -7.80
CA SER A 3 7.73 6.81 -8.65
C SER A 3 7.18 5.66 -7.81
N LEU A 4 6.78 4.58 -8.43
CA LEU A 4 6.24 3.42 -7.66
C LEU A 4 4.95 3.84 -6.94
N SER A 5 4.36 4.93 -7.33
CA SER A 5 3.10 5.38 -6.67
C SER A 5 2.13 4.20 -6.52
N THR A 6 1.70 3.63 -7.61
CA THR A 6 0.77 2.47 -7.53
C THR A 6 1.26 1.46 -6.49
N PHE A 7 2.47 1.01 -6.61
CA PHE A 7 3.01 0.02 -5.63
C PHE A 7 2.84 0.55 -4.21
N PHE A 8 3.30 1.75 -3.95
CA PHE A 8 3.16 2.32 -2.58
C PHE A 8 1.71 2.27 -2.13
N ARG A 9 0.81 2.81 -2.91
CA ARG A 9 -0.63 2.78 -2.53
C ARG A 9 -1.08 1.35 -2.23
N LEU A 10 -0.81 0.44 -3.13
CA LEU A 10 -1.22 -0.97 -2.90
C LEU A 10 -0.66 -1.49 -1.57
N PHE A 11 0.61 -1.25 -1.33
CA PHE A 11 1.22 -1.72 -0.06
C PHE A 11 0.50 -1.08 1.13
N ASN A 12 0.34 0.20 1.13
CA ASN A 12 -0.34 0.88 2.27
C ASN A 12 -1.75 0.29 2.46
N ARG A 13 -2.49 0.13 1.39
CA ARG A 13 -3.86 -0.44 1.51
C ARG A 13 -3.79 -1.87 2.06
N SER A 14 -3.03 -2.72 1.42
CA SER A 14 -2.93 -4.13 1.89
C SER A 14 -2.54 -4.16 3.38
N PHE A 15 -1.54 -3.41 3.75
CA PHE A 15 -1.12 -3.38 5.18
C PHE A 15 -2.23 -2.81 6.06
N THR A 16 -2.76 -1.67 5.68
CA THR A 16 -3.84 -1.05 6.50
C THR A 16 -4.98 -2.07 6.71
N GLN A 17 -5.35 -2.77 5.68
CA GLN A 17 -6.46 -3.77 5.83
C GLN A 17 -5.99 -4.96 6.68
N ALA A 18 -4.89 -5.56 6.32
CA ALA A 18 -4.39 -6.71 7.10
C ALA A 18 -4.20 -6.32 8.57
N LEU A 19 -3.63 -5.18 8.82
CA LEU A 19 -3.43 -4.74 10.23
C LEU A 19 -4.74 -4.83 11.00
N GLY A 20 -5.77 -4.17 10.54
CA GLY A 20 -7.07 -4.22 11.25
C GLY A 20 -7.35 -2.87 11.92
N LYS A 21 -6.46 -1.91 11.77
CA LYS A 21 -6.69 -0.58 12.39
C LYS A 21 -7.94 0.08 11.80
N SER A 1 11.99 12.50 -10.78
CA SER A 1 10.92 12.35 -9.74
C SER A 1 10.76 10.88 -9.34
N GLY A 2 9.57 10.47 -9.01
CA GLY A 2 9.36 9.04 -8.61
C GLY A 2 8.20 8.46 -9.43
N SER A 3 7.98 7.18 -9.31
CA SER A 3 6.87 6.55 -10.08
C SER A 3 6.48 5.21 -9.43
N LEU A 4 6.17 5.22 -8.17
CA LEU A 4 5.78 3.95 -7.49
C LEU A 4 4.43 4.13 -6.78
N SER A 5 3.70 5.15 -7.11
CA SER A 5 2.38 5.38 -6.46
C SER A 5 1.60 4.06 -6.38
N THR A 6 1.41 3.41 -7.49
CA THR A 6 0.67 2.12 -7.47
C THR A 6 1.29 1.15 -6.46
N PHE A 7 2.53 0.80 -6.67
CA PHE A 7 3.19 -0.14 -5.72
C PHE A 7 3.05 0.36 -4.28
N PHE A 8 3.65 1.48 -3.97
CA PHE A 8 3.54 2.02 -2.58
C PHE A 8 2.08 2.04 -2.14
N ARG A 9 1.24 2.72 -2.87
CA ARG A 9 -0.20 2.79 -2.49
C ARG A 9 -0.74 1.38 -2.23
N LEU A 10 -0.54 0.47 -3.13
CA LEU A 10 -1.03 -0.91 -2.93
C LEU A 10 -0.52 -1.48 -1.61
N PHE A 11 0.78 -1.46 -1.41
CA PHE A 11 1.35 -1.99 -0.15
C PHE A 11 0.68 -1.33 1.06
N ASN A 12 0.69 -0.03 1.10
CA ASN A 12 0.06 0.69 2.24
C ASN A 12 -1.39 0.21 2.43
N ARG A 13 -2.17 0.22 1.39
CA ARG A 13 -3.59 -0.23 1.51
C ARG A 13 -3.64 -1.65 2.08
N SER A 14 -2.98 -2.58 1.44
CA SER A 14 -2.99 -3.98 1.96
C SER A 14 -2.57 -4.01 3.43
N PHE A 15 -1.58 -3.25 3.79
CA PHE A 15 -1.13 -3.24 5.22
C PHE A 15 -2.24 -2.72 6.12
N THR A 16 -2.84 -1.61 5.77
CA THR A 16 -3.94 -1.05 6.61
C THR A 16 -5.10 -2.04 6.68
N GLN A 17 -5.42 -2.68 5.59
CA GLN A 17 -6.55 -3.65 5.59
C GLN A 17 -6.20 -4.86 6.46
N ALA A 18 -5.10 -5.51 6.18
CA ALA A 18 -4.71 -6.69 6.99
C ALA A 18 -4.39 -6.27 8.43
N LEU A 19 -3.56 -5.28 8.60
CA LEU A 19 -3.22 -4.81 9.98
C LEU A 19 -4.50 -4.49 10.76
N GLY A 20 -5.51 -4.03 10.09
CA GLY A 20 -6.78 -3.68 10.79
C GLY A 20 -7.66 -4.93 10.90
N LYS A 21 -7.19 -6.06 10.40
CA LYS A 21 -8.00 -7.30 10.49
C LYS A 21 -7.18 -8.50 10.02
N SER A 1 14.00 5.41 -7.66
CA SER A 1 12.56 5.09 -7.94
C SER A 1 11.90 6.28 -8.63
N GLY A 2 10.65 6.14 -9.01
CA GLY A 2 9.95 7.26 -9.68
C GLY A 2 8.46 6.92 -9.81
N SER A 3 8.12 5.99 -10.65
CA SER A 3 6.68 5.63 -10.82
C SER A 3 6.31 4.51 -9.83
N LEU A 4 6.47 4.76 -8.57
CA LEU A 4 6.12 3.71 -7.55
C LEU A 4 4.78 4.04 -6.89
N SER A 5 4.15 5.10 -7.31
CA SER A 5 2.84 5.48 -6.71
C SER A 5 1.96 4.23 -6.54
N THR A 6 1.52 3.65 -7.62
CA THR A 6 0.66 2.43 -7.52
C THR A 6 1.22 1.48 -6.47
N PHE A 7 2.43 1.00 -6.68
CA PHE A 7 3.03 0.05 -5.69
C PHE A 7 2.82 0.58 -4.27
N PHE A 8 3.40 1.70 -3.95
CA PHE A 8 3.24 2.27 -2.58
C PHE A 8 1.77 2.18 -2.14
N ARG A 9 0.88 2.75 -2.89
CA ARG A 9 -0.55 2.72 -2.52
C ARG A 9 -0.99 1.27 -2.25
N LEU A 10 -0.65 0.37 -3.13
CA LEU A 10 -1.04 -1.06 -2.92
C LEU A 10 -0.50 -1.57 -1.58
N PHE A 11 0.78 -1.41 -1.35
CA PHE A 11 1.37 -1.88 -0.07
C PHE A 11 0.64 -1.23 1.11
N ASN A 12 0.54 0.07 1.13
CA ASN A 12 -0.15 0.75 2.25
C ASN A 12 -1.56 0.17 2.44
N ARG A 13 -2.32 0.08 1.38
CA ARG A 13 -3.70 -0.47 1.50
C ARG A 13 -3.65 -1.89 2.08
N SER A 14 -2.87 -2.76 1.50
CA SER A 14 -2.79 -4.15 2.01
C SER A 14 -2.44 -4.14 3.51
N PHE A 15 -1.40 -3.44 3.88
CA PHE A 15 -1.01 -3.38 5.31
C PHE A 15 -2.18 -2.86 6.17
N THR A 16 -2.68 -1.70 5.85
CA THR A 16 -3.81 -1.13 6.64
C THR A 16 -4.96 -2.15 6.68
N GLN A 17 -5.34 -2.68 5.56
CA GLN A 17 -6.45 -3.68 5.55
C GLN A 17 -6.15 -4.83 6.50
N ALA A 18 -5.04 -5.49 6.32
CA ALA A 18 -4.68 -6.63 7.22
C ALA A 18 -4.56 -6.14 8.66
N LEU A 19 -3.60 -5.29 8.93
CA LEU A 19 -3.42 -4.79 10.32
C LEU A 19 -4.72 -4.11 10.81
N GLY A 20 -5.61 -3.80 9.91
CA GLY A 20 -6.88 -3.16 10.32
C GLY A 20 -8.00 -4.20 10.37
N LYS A 21 -7.70 -5.45 10.06
CA LYS A 21 -8.75 -6.49 10.08
C LYS A 21 -9.94 -6.07 9.22
N SER A 1 10.92 0.61 1.87
CA SER A 1 11.40 1.56 0.83
C SER A 1 10.25 1.96 -0.09
N GLY A 2 10.49 2.89 -0.99
CA GLY A 2 9.42 3.32 -1.91
C GLY A 2 9.54 2.57 -3.25
N SER A 3 8.44 2.33 -3.90
CA SER A 3 8.50 1.60 -5.20
C SER A 3 7.83 2.43 -6.31
N LEU A 4 6.62 2.86 -6.08
CA LEU A 4 5.92 3.67 -7.12
C LEU A 4 4.50 4.01 -6.64
N SER A 5 3.92 5.04 -7.19
CA SER A 5 2.54 5.43 -6.78
C SER A 5 1.65 4.19 -6.65
N THR A 6 1.42 3.50 -7.73
CA THR A 6 0.57 2.28 -7.68
C THR A 6 1.11 1.31 -6.63
N PHE A 7 2.35 0.92 -6.75
CA PHE A 7 2.94 -0.03 -5.77
C PHE A 7 2.81 0.54 -4.35
N PHE A 8 3.38 1.69 -4.10
CA PHE A 8 3.29 2.29 -2.74
C PHE A 8 1.84 2.22 -2.23
N ARG A 9 0.92 2.81 -2.94
CA ARG A 9 -0.50 2.77 -2.48
C ARG A 9 -0.94 1.32 -2.23
N LEU A 10 -0.58 0.42 -3.11
CA LEU A 10 -0.97 -1.00 -2.91
C LEU A 10 -0.44 -1.52 -1.56
N PHE A 11 0.84 -1.38 -1.33
CA PHE A 11 1.42 -1.86 -0.04
C PHE A 11 0.74 -1.15 1.13
N ASN A 12 0.57 0.14 1.06
CA ASN A 12 -0.09 0.88 2.17
C ASN A 12 -1.48 0.31 2.43
N ARG A 13 -2.33 0.32 1.43
CA ARG A 13 -3.71 -0.21 1.61
C ARG A 13 -3.65 -1.66 2.13
N SER A 14 -2.91 -2.51 1.46
CA SER A 14 -2.81 -3.92 1.91
C SER A 14 -2.42 -3.98 3.39
N PHE A 15 -1.44 -3.21 3.78
CA PHE A 15 -1.00 -3.21 5.21
C PHE A 15 -2.15 -2.74 6.11
N THR A 16 -2.72 -1.61 5.82
CA THR A 16 -3.84 -1.09 6.66
C THR A 16 -4.97 -2.11 6.71
N GLN A 17 -5.40 -2.60 5.57
CA GLN A 17 -6.50 -3.61 5.56
C GLN A 17 -6.08 -4.85 6.34
N ALA A 18 -4.87 -5.31 6.16
CA ALA A 18 -4.41 -6.52 6.90
C ALA A 18 -4.43 -6.28 8.41
N LEU A 19 -3.93 -5.14 8.84
CA LEU A 19 -3.93 -4.84 10.29
C LEU A 19 -5.34 -5.01 10.88
N GLY A 20 -6.30 -4.33 10.33
CA GLY A 20 -7.69 -4.46 10.85
C GLY A 20 -8.25 -3.07 11.19
N LYS A 21 -7.47 -2.04 10.99
CA LYS A 21 -7.96 -0.66 11.31
C LYS A 21 -8.75 -0.10 10.12
N SER A 1 9.83 4.30 -11.11
CA SER A 1 10.80 4.21 -9.98
C SER A 1 10.06 4.23 -8.64
N GLY A 2 9.81 5.41 -8.12
CA GLY A 2 9.10 5.50 -6.81
C GLY A 2 7.79 6.27 -7.00
N SER A 3 7.68 7.43 -6.41
CA SER A 3 6.42 8.23 -6.55
C SER A 3 5.21 7.42 -6.06
N LEU A 4 5.39 6.64 -5.03
CA LEU A 4 4.26 5.84 -4.49
C LEU A 4 3.82 4.81 -5.54
N SER A 5 3.20 5.25 -6.59
CA SER A 5 2.74 4.30 -7.65
C SER A 5 1.86 3.22 -7.04
N THR A 6 1.15 2.48 -7.86
CA THR A 6 0.26 1.41 -7.33
C THR A 6 1.06 0.51 -6.37
N PHE A 7 2.31 0.32 -6.63
CA PHE A 7 3.14 -0.54 -5.74
C PHE A 7 3.09 0.00 -4.30
N PHE A 8 3.53 1.21 -4.10
CA PHE A 8 3.50 1.78 -2.72
C PHE A 8 2.06 1.92 -2.24
N ARG A 9 1.19 2.47 -3.07
CA ARG A 9 -0.23 2.64 -2.67
C ARG A 9 -0.85 1.27 -2.37
N LEU A 10 -0.56 0.28 -3.18
CA LEU A 10 -1.13 -1.07 -2.95
C LEU A 10 -0.58 -1.67 -1.66
N PHE A 11 0.72 -1.65 -1.48
CA PHE A 11 1.33 -2.20 -0.25
C PHE A 11 0.79 -1.46 0.98
N ASN A 12 0.67 -0.16 0.89
CA ASN A 12 0.16 0.62 2.05
C ASN A 12 -1.32 0.29 2.30
N ARG A 13 -2.14 0.38 1.28
CA ARG A 13 -3.59 0.07 1.47
C ARG A 13 -3.76 -1.37 1.98
N SER A 14 -3.15 -2.32 1.32
CA SER A 14 -3.29 -3.74 1.76
C SER A 14 -2.70 -3.91 3.16
N PHE A 15 -1.54 -3.37 3.40
CA PHE A 15 -0.92 -3.51 4.76
C PHE A 15 -1.83 -2.87 5.81
N THR A 16 -2.25 -1.65 5.59
CA THR A 16 -3.13 -0.97 6.58
C THR A 16 -4.43 -1.76 6.77
N GLN A 17 -5.10 -2.08 5.70
CA GLN A 17 -6.37 -2.85 5.81
C GLN A 17 -6.10 -4.22 6.42
N ALA A 18 -5.06 -4.89 5.98
CA ALA A 18 -4.75 -6.24 6.54
C ALA A 18 -4.52 -6.14 8.05
N LEU A 19 -3.67 -5.24 8.48
CA LEU A 19 -3.41 -5.10 9.94
C LEU A 19 -4.72 -4.86 10.70
N GLY A 20 -5.50 -3.92 10.26
CA GLY A 20 -6.80 -3.64 10.94
C GLY A 20 -6.57 -2.61 12.06
N LYS A 21 -5.35 -2.15 12.24
CA LYS A 21 -5.08 -1.16 13.32
C LYS A 21 -5.57 -1.69 14.66
N SER A 1 15.89 1.20 -3.19
CA SER A 1 14.72 0.71 -3.96
C SER A 1 13.61 1.77 -3.99
N GLY A 2 13.30 2.29 -5.14
CA GLY A 2 12.23 3.33 -5.23
C GLY A 2 10.87 2.65 -5.33
N SER A 3 9.81 3.42 -5.27
CA SER A 3 8.45 2.82 -5.37
C SER A 3 7.57 3.66 -6.32
N LEU A 4 6.28 3.48 -6.24
CA LEU A 4 5.37 4.26 -7.13
C LEU A 4 3.96 4.29 -6.55
N SER A 5 3.14 5.19 -7.01
CA SER A 5 1.75 5.26 -6.48
C SER A 5 1.15 3.86 -6.36
N THR A 6 0.86 3.23 -7.46
CA THR A 6 0.28 1.85 -7.40
C THR A 6 1.07 0.99 -6.42
N PHE A 7 2.32 0.78 -6.68
CA PHE A 7 3.15 -0.06 -5.75
C PHE A 7 3.04 0.47 -4.32
N PHE A 8 3.58 1.63 -4.07
CA PHE A 8 3.52 2.21 -2.69
C PHE A 8 2.08 2.13 -2.17
N ARG A 9 1.15 2.75 -2.84
CA ARG A 9 -0.27 2.70 -2.38
C ARG A 9 -0.70 1.25 -2.14
N LEU A 10 -0.47 0.39 -3.08
CA LEU A 10 -0.87 -1.03 -2.91
C LEU A 10 -0.32 -1.58 -1.59
N PHE A 11 0.97 -1.45 -1.38
CA PHE A 11 1.57 -1.96 -0.11
C PHE A 11 0.91 -1.29 1.10
N ASN A 12 0.86 0.02 1.11
CA ASN A 12 0.24 0.72 2.26
C ASN A 12 -1.20 0.23 2.46
N ARG A 13 -2.01 0.29 1.45
CA ARG A 13 -3.42 -0.16 1.58
C ARG A 13 -3.46 -1.61 2.12
N SER A 14 -2.75 -2.50 1.47
CA SER A 14 -2.75 -3.91 1.94
C SER A 14 -2.34 -3.98 3.41
N PHE A 15 -1.35 -3.23 3.80
CA PHE A 15 -0.91 -3.25 5.22
C PHE A 15 -2.02 -2.75 6.14
N THR A 16 -2.53 -1.58 5.88
CA THR A 16 -3.63 -1.04 6.74
C THR A 16 -4.88 -1.90 6.59
N GLN A 17 -5.17 -2.35 5.41
CA GLN A 17 -6.38 -3.19 5.20
C GLN A 17 -6.24 -4.52 5.97
N ALA A 18 -5.11 -5.17 5.83
CA ALA A 18 -4.92 -6.46 6.55
C ALA A 18 -4.81 -6.22 8.06
N LEU A 19 -3.90 -5.37 8.47
CA LEU A 19 -3.75 -5.09 9.93
C LEU A 19 -5.08 -4.64 10.52
N GLY A 20 -5.99 -4.20 9.70
CA GLY A 20 -7.31 -3.74 10.22
C GLY A 20 -8.22 -4.94 10.44
N LYS A 21 -7.75 -6.13 10.17
CA LYS A 21 -8.60 -7.34 10.37
C LYS A 21 -8.67 -7.68 11.86
N SER A 1 11.95 -0.20 -10.31
CA SER A 1 10.76 0.49 -9.71
C SER A 1 10.69 0.21 -8.21
N GLY A 2 9.52 0.22 -7.65
CA GLY A 2 9.38 -0.04 -6.18
C GLY A 2 9.42 1.30 -5.42
N SER A 3 8.47 2.16 -5.67
CA SER A 3 8.44 3.47 -4.96
C SER A 3 7.15 4.21 -5.28
N LEU A 4 6.41 4.61 -4.28
CA LEU A 4 5.14 5.34 -4.53
C LEU A 4 4.36 4.68 -5.66
N SER A 5 3.66 5.45 -6.44
CA SER A 5 2.87 4.87 -7.57
C SER A 5 1.94 3.77 -7.04
N THR A 6 1.21 3.13 -7.93
CA THR A 6 0.29 2.04 -7.48
C THR A 6 1.01 1.08 -6.54
N PHE A 7 2.17 0.61 -6.92
CA PHE A 7 2.92 -0.33 -6.04
C PHE A 7 2.87 0.15 -4.59
N PHE A 8 3.43 1.29 -4.31
CA PHE A 8 3.40 1.82 -2.92
C PHE A 8 1.96 1.96 -2.44
N ARG A 9 1.11 2.51 -3.25
CA ARG A 9 -0.32 2.68 -2.83
C ARG A 9 -0.92 1.31 -2.50
N LEU A 10 -0.76 0.35 -3.36
CA LEU A 10 -1.33 -1.00 -3.10
C LEU A 10 -0.72 -1.58 -1.80
N PHE A 11 0.58 -1.57 -1.69
CA PHE A 11 1.23 -2.11 -0.46
C PHE A 11 0.66 -1.41 0.78
N ASN A 12 0.56 -0.11 0.74
CA ASN A 12 0.01 0.63 1.91
C ASN A 12 -1.43 0.19 2.18
N ARG A 13 -2.26 0.21 1.18
CA ARG A 13 -3.68 -0.20 1.38
C ARG A 13 -3.73 -1.61 1.99
N SER A 14 -3.05 -2.55 1.40
CA SER A 14 -3.07 -3.93 1.95
C SER A 14 -2.57 -3.93 3.40
N PHE A 15 -1.44 -3.32 3.65
CA PHE A 15 -0.91 -3.28 5.04
C PHE A 15 -1.95 -2.71 5.99
N THR A 16 -2.60 -1.65 5.60
CA THR A 16 -3.64 -1.04 6.49
C THR A 16 -4.81 -2.01 6.68
N GLN A 17 -5.29 -2.59 5.62
CA GLN A 17 -6.44 -3.55 5.74
C GLN A 17 -6.05 -4.71 6.66
N ALA A 18 -4.87 -5.26 6.49
CA ALA A 18 -4.44 -6.39 7.36
C ALA A 18 -4.25 -5.91 8.80
N LEU A 19 -3.53 -4.83 8.99
CA LEU A 19 -3.31 -4.31 10.36
C LEU A 19 -4.65 -4.11 11.08
N GLY A 20 -5.62 -3.56 10.40
CA GLY A 20 -6.95 -3.34 11.03
C GLY A 20 -6.90 -2.07 11.89
N LYS A 21 -5.78 -1.40 11.94
CA LYS A 21 -5.68 -0.17 12.76
C LYS A 21 -5.89 -0.51 14.24
#